data_6E36
#
_entry.id   6E36
#
_cell.length_a   71.038
_cell.length_b   91.308
_cell.length_c   71.893
_cell.angle_alpha   90.000
_cell.angle_beta   116.780
_cell.angle_gamma   90.000
#
_symmetry.space_group_name_H-M   'P 1 21 1'
#
loop_
_entity.id
_entity.type
_entity.pdbx_description
1 polymer 'Probable cell-surface antigen I/II'
2 non-polymer 'MAGNESIUM ION'
3 water water
#
_entity_poly.entity_id   1
_entity_poly.type   'polypeptide(L)'
_entity_poly.pdbx_seq_one_letter_code
;MADYEAKLAKYQADLAKYQKDLAEYPQKLKEYNEEQAKIKEALKKLEQDKNKDGHLTEPSAQSLVYDSEPDAKLSLTTED
GTLLKSSVVDEAFSKSTSKAKYDQKILQLDDLDIRGLEKADSATSTVELYGNIGNKSTWTTNVGNNTEVKWGSVLLKRGQ
SVTATYTNLQKTYYNGKKVSKIVYKYTVDKDSKFQNPSGNVWLGVFSDPTLGVFASAYTGQVEKDTSIFIKNEFTFYDEN
DQPINFDNALLSVASLNRENNSIEMAKDYTGKFVRISGSSIDEKDGKIYATKTLNFKKGQGGSRWTMYPNGQEGSGWDSS
DAPNSWYGAGAVKISGQHNSITLGAISATLVVPSDSVMAVETGKKPNIWYSLNGKIRAVNVPKITKENPTPPVEPTAPQA
PTENLYFQGLEHHHHHH
;
_entity_poly.pdbx_strand_id   A,B
#
# COMPACT_ATOMS: atom_id res chain seq x y z
N TYR A 4 25.96 41.75 -28.40
CA TYR A 4 25.17 41.02 -29.45
C TYR A 4 25.70 39.59 -29.69
N GLU A 5 26.38 39.02 -28.69
CA GLU A 5 27.12 37.78 -28.88
C GLU A 5 26.12 36.65 -28.59
N ALA A 6 26.04 36.22 -27.32
CA ALA A 6 25.05 35.24 -26.89
C ALA A 6 23.72 35.91 -26.49
N LYS A 7 23.63 37.24 -26.62
CA LYS A 7 22.34 37.96 -26.50
C LYS A 7 21.33 37.46 -27.53
N LEU A 8 21.76 37.35 -28.80
CA LEU A 8 20.92 36.83 -29.87
C LEU A 8 20.63 35.33 -29.67
N ALA A 9 21.67 34.55 -29.36
CA ALA A 9 21.53 33.11 -29.08
C ALA A 9 20.58 32.81 -27.90
N LYS A 10 20.58 33.68 -26.89
CA LYS A 10 19.67 33.56 -25.76
C LYS A 10 18.25 33.90 -26.20
N TYR A 11 18.09 35.06 -26.84
CA TYR A 11 16.81 35.47 -27.43
C TYR A 11 16.18 34.38 -28.30
N GLN A 12 17.02 33.76 -29.13
CA GLN A 12 16.57 32.71 -30.02
C GLN A 12 16.14 31.47 -29.23
N ALA A 13 16.92 31.08 -28.22
CA ALA A 13 16.53 29.98 -27.33
C ALA A 13 15.23 30.27 -26.57
N ASP A 14 15.08 31.49 -26.08
CA ASP A 14 13.87 31.90 -25.36
C ASP A 14 12.63 32.03 -26.28
N LEU A 15 12.84 32.42 -27.55
CA LEU A 15 11.77 32.43 -28.56
C LEU A 15 11.22 31.01 -28.88
N ALA A 16 12.10 30.02 -29.08
CA ALA A 16 11.68 28.61 -29.28
C ALA A 16 10.86 28.09 -28.10
N LYS A 17 11.34 28.36 -26.89
CA LYS A 17 10.68 28.02 -25.62
C LYS A 17 9.33 28.73 -25.47
N TYR A 18 9.28 30.01 -25.85
CA TYR A 18 8.02 30.76 -25.89
C TYR A 18 7.02 30.10 -26.85
N GLN A 19 7.49 29.74 -28.04
CA GLN A 19 6.63 29.11 -29.03
C GLN A 19 6.07 27.79 -28.50
N LYS A 20 6.93 26.98 -27.89
CA LYS A 20 6.49 25.77 -27.22
C LYS A 20 5.44 26.02 -26.11
N ASP A 21 5.69 26.97 -25.22
CA ASP A 21 4.76 27.29 -24.14
C ASP A 21 3.42 27.82 -24.67
N LEU A 22 3.47 28.67 -25.71
CA LEU A 22 2.26 29.18 -26.36
C LEU A 22 1.39 28.04 -26.92
N ALA A 23 2.03 27.10 -27.62
CA ALA A 23 1.32 25.91 -28.13
C ALA A 23 0.67 25.09 -27.01
N GLU A 24 1.39 24.89 -25.91
CA GLU A 24 0.91 24.08 -24.78
C GLU A 24 -0.04 24.79 -23.80
N TYR A 25 -0.07 26.13 -23.82
CA TYR A 25 -0.80 26.88 -22.81
C TYR A 25 -2.31 26.58 -22.77
N PRO A 26 -2.98 26.51 -23.94
CA PRO A 26 -4.43 26.25 -23.84
C PRO A 26 -4.79 24.93 -23.14
N GLN A 27 -4.04 23.86 -23.42
CA GLN A 27 -4.34 22.58 -22.76
C GLN A 27 -4.06 22.67 -21.25
N LYS A 28 -2.94 23.30 -20.87
CA LYS A 28 -2.63 23.52 -19.44
C LYS A 28 -3.69 24.37 -18.72
N LEU A 29 -4.23 25.37 -19.42
CA LEU A 29 -5.28 26.20 -18.82
C LEU A 29 -6.56 25.42 -18.65
N LYS A 30 -6.92 24.64 -19.66
CA LYS A 30 -8.09 23.77 -19.59
C LYS A 30 -8.01 22.82 -18.42
N GLU A 31 -6.85 22.18 -18.27
CA GLU A 31 -6.68 21.18 -17.21
C GLU A 31 -6.72 21.82 -15.83
N TYR A 32 -6.07 22.97 -15.70
CA TYR A 32 -6.17 23.76 -14.50
C TYR A 32 -7.61 24.12 -14.15
N ASN A 33 -8.34 24.61 -15.12
CA ASN A 33 -9.73 25.02 -14.89
C ASN A 33 -10.64 23.81 -14.49
N GLU A 34 -10.47 22.68 -15.16
CA GLU A 34 -11.25 21.48 -14.84
C GLU A 34 -10.94 21.01 -13.43
N GLU A 35 -9.65 20.99 -13.07
CA GLU A 35 -9.28 20.55 -11.72
C GLU A 35 -9.80 21.51 -10.65
N GLN A 36 -9.65 22.80 -10.88
CA GLN A 36 -10.18 23.76 -9.91
C GLN A 36 -11.67 23.57 -9.68
N ALA A 37 -12.44 23.40 -10.75
CA ALA A 37 -13.87 23.13 -10.64
C ALA A 37 -14.13 21.89 -9.75
N LYS A 38 -13.37 20.81 -9.98
CA LYS A 38 -13.50 19.58 -9.17
C LYS A 38 -13.22 19.81 -7.68
N ILE A 39 -12.12 20.50 -7.40
CA ILE A 39 -11.69 20.85 -6.05
C ILE A 39 -12.77 21.68 -5.36
N LYS A 40 -13.32 22.69 -6.02
CA LYS A 40 -14.33 23.56 -5.40
C LYS A 40 -15.60 22.78 -5.02
N GLU A 41 -16.01 21.83 -5.86
CA GLU A 41 -17.15 20.95 -5.54
C GLU A 41 -16.84 19.97 -4.39
N ALA A 42 -15.64 19.41 -4.37
CA ALA A 42 -15.20 18.58 -3.27
C ALA A 42 -15.17 19.38 -1.95
N LEU A 43 -14.69 20.64 -1.98
CA LEU A 43 -14.70 21.49 -0.80
C LEU A 43 -16.09 21.90 -0.32
N LYS A 44 -17.04 22.09 -1.22
CA LYS A 44 -18.42 22.36 -0.81
C LYS A 44 -18.99 21.21 0.00
N LYS A 45 -18.69 19.99 -0.43
CA LYS A 45 -19.12 18.82 0.32
C LYS A 45 -18.40 18.67 1.66
N LEU A 46 -17.10 18.99 1.72
CA LEU A 46 -16.35 18.90 2.99
C LEU A 46 -16.81 19.92 4.04
N GLU A 47 -17.26 21.08 3.58
CA GLU A 47 -17.83 22.13 4.45
C GLU A 47 -19.11 21.59 5.10
N GLN A 48 -19.97 21.01 4.28
CA GLN A 48 -21.20 20.38 4.77
C GLN A 48 -20.93 19.23 5.75
N ASP A 49 -19.88 18.45 5.47
CA ASP A 49 -19.49 17.30 6.29
C ASP A 49 -18.37 17.60 7.31
N LYS A 50 -18.19 18.85 7.71
CA LYS A 50 -17.03 19.23 8.50
C LYS A 50 -17.04 18.66 9.93
N ASN A 51 -18.22 18.28 10.43
CA ASN A 51 -18.36 17.65 11.74
C ASN A 51 -18.53 16.13 11.71
N LYS A 52 -18.49 15.48 10.55
CA LYS A 52 -18.54 14.01 10.51
C LYS A 52 -17.16 13.49 10.87
N ASP A 53 -17.13 12.26 11.35
CA ASP A 53 -15.88 11.64 11.79
C ASP A 53 -14.80 11.67 10.71
N GLY A 54 -13.61 12.17 11.09
CA GLY A 54 -12.45 12.16 10.21
C GLY A 54 -12.34 13.30 9.24
N HIS A 55 -13.21 14.31 9.33
CA HIS A 55 -13.19 15.46 8.42
C HIS A 55 -12.54 16.63 9.11
N LEU A 56 -11.80 17.42 8.34
CA LEU A 56 -11.22 18.68 8.83
C LEU A 56 -12.31 19.65 9.28
N THR A 57 -12.15 20.20 10.48
CA THR A 57 -13.08 21.20 11.01
C THR A 57 -13.10 22.46 10.17
N GLU A 58 -11.98 22.75 9.52
CA GLU A 58 -11.85 23.87 8.60
C GLU A 58 -11.24 23.33 7.30
N PRO A 59 -12.09 22.82 6.39
CA PRO A 59 -11.55 22.15 5.22
C PRO A 59 -10.92 23.09 4.22
N SER A 60 -9.86 22.61 3.60
CA SER A 60 -9.19 23.30 2.50
C SER A 60 -8.47 22.28 1.64
N ALA A 61 -8.05 22.70 0.45
CA ALA A 61 -7.37 21.80 -0.49
C ALA A 61 -5.95 21.59 -0.03
N GLN A 62 -5.38 20.42 -0.28
CA GLN A 62 -3.95 20.22 -0.07
C GLN A 62 -3.13 20.67 -1.28
N SER A 63 -2.35 21.74 -1.12
CA SER A 63 -1.49 22.24 -2.17
C SER A 63 -0.12 21.54 -2.22
N LEU A 64 0.29 20.93 -1.12
CA LEU A 64 1.57 20.25 -1.04
C LEU A 64 1.35 18.77 -1.19
N VAL A 65 1.74 18.22 -2.34
CA VAL A 65 1.68 16.76 -2.56
C VAL A 65 3.03 16.20 -2.06
N TYR A 66 3.00 15.44 -0.97
CA TYR A 66 4.23 15.07 -0.25
C TYR A 66 3.95 13.84 0.61
N ASP A 67 3.65 12.73 -0.10
CA ASP A 67 3.21 11.43 0.46
C ASP A 67 4.39 10.47 0.65
N SER A 68 5.27 10.40 -0.35
CA SER A 68 6.39 9.43 -0.43
C SER A 68 7.57 9.95 -1.27
N GLU A 69 8.80 9.77 -0.77
CA GLU A 69 10.02 10.03 -1.51
C GLU A 69 11.07 8.92 -1.24
N PRO A 70 10.74 7.65 -1.58
CA PRO A 70 11.67 6.53 -1.34
C PRO A 70 13.07 6.67 -1.95
N ASP A 71 13.23 7.50 -2.99
CA ASP A 71 14.49 7.63 -3.71
C ASP A 71 15.28 8.90 -3.40
N ALA A 72 14.89 9.64 -2.35
CA ALA A 72 15.59 10.89 -2.04
C ALA A 72 17.03 10.62 -1.59
N LYS A 73 17.86 11.66 -1.68
CA LYS A 73 19.26 11.57 -1.31
C LYS A 73 19.51 12.46 -0.12
N LEU A 74 20.24 11.92 0.86
CA LEU A 74 20.39 12.55 2.13
C LEU A 74 21.77 13.08 2.37
N SER A 75 21.86 14.35 2.75
CA SER A 75 23.11 14.94 3.14
C SER A 75 22.99 15.53 4.58
N LEU A 76 23.96 15.22 5.47
CA LEU A 76 23.95 15.68 6.87
C LEU A 76 25.16 16.54 7.22
N THR A 77 24.92 17.64 7.94
CA THR A 77 26.01 18.40 8.53
C THR A 77 25.65 18.82 9.94
N THR A 78 26.61 18.72 10.83
CA THR A 78 26.49 19.28 12.17
C THR A 78 27.82 19.94 12.54
N GLU A 79 27.76 21.17 13.08
CA GLU A 79 28.98 21.88 13.55
C GLU A 79 29.46 21.35 14.92
N ASP A 80 28.54 20.90 15.77
CA ASP A 80 28.92 20.40 17.09
C ASP A 80 28.63 18.91 17.35
N GLY A 81 27.79 18.29 16.54
CA GLY A 81 27.43 16.88 16.72
C GLY A 81 28.41 15.89 16.10
N THR A 82 28.06 14.60 16.19
CA THR A 82 28.88 13.51 15.67
C THR A 82 28.03 12.69 14.72
N LEU A 83 28.39 12.67 13.43
CA LEU A 83 27.78 11.76 12.47
C LEU A 83 28.40 10.42 12.73
N LEU A 84 27.62 9.34 12.63
CA LEU A 84 28.11 8.02 13.05
C LEU A 84 28.43 7.10 11.88
N LYS A 85 29.53 6.36 12.01
CA LYS A 85 29.89 5.26 11.12
C LYS A 85 28.81 4.19 11.15
N SER A 86 28.53 3.59 10.00
CA SER A 86 27.50 2.57 9.85
C SER A 86 27.84 1.38 10.70
N SER A 87 29.11 0.96 10.67
CA SER A 87 29.53 -0.22 11.40
C SER A 87 29.33 -0.07 12.91
N VAL A 88 29.53 1.15 13.44
CA VAL A 88 29.23 1.44 14.86
C VAL A 88 27.72 1.31 15.13
N VAL A 89 26.90 1.87 14.24
CA VAL A 89 25.43 1.73 14.33
C VAL A 89 25.08 0.22 14.29
N ASP A 90 25.67 -0.52 13.37
CA ASP A 90 25.42 -1.99 13.27
C ASP A 90 25.76 -2.78 14.55
N GLU A 91 26.91 -2.45 15.15
CA GLU A 91 27.36 -3.10 16.38
C GLU A 91 26.38 -2.82 17.51
N ALA A 92 26.01 -1.55 17.66
CA ALA A 92 25.05 -1.16 18.67
C ALA A 92 23.74 -1.94 18.54
N PHE A 93 23.24 -2.14 17.33
CA PHE A 93 22.00 -2.93 17.11
C PHE A 93 22.11 -4.41 17.52
N SER A 94 23.32 -4.96 17.44
CA SER A 94 23.55 -6.37 17.74
C SER A 94 23.63 -6.70 19.21
N LYS A 95 23.70 -5.69 20.09
CA LYS A 95 23.89 -5.87 21.54
C LYS A 95 22.70 -5.32 22.33
N SER A 96 22.68 -5.68 23.61
CA SER A 96 21.76 -5.11 24.61
C SER A 96 20.28 -5.39 24.23
N THR A 97 19.42 -4.40 24.38
CA THR A 97 17.98 -4.61 24.25
C THR A 97 17.45 -4.85 22.82
N SER A 98 18.17 -4.41 21.77
CA SER A 98 17.77 -4.71 20.39
C SER A 98 18.33 -6.04 19.85
N LYS A 99 19.19 -6.69 20.62
CA LYS A 99 19.87 -7.96 20.21
C LYS A 99 18.89 -9.05 19.82
N ALA A 100 17.85 -9.24 20.63
CA ALA A 100 16.87 -10.31 20.40
C ALA A 100 16.23 -10.20 19.03
N LYS A 101 15.86 -8.99 18.63
CA LYS A 101 15.29 -8.78 17.29
C LYS A 101 16.36 -8.80 16.19
N TYR A 102 17.56 -8.30 16.48
CA TYR A 102 18.68 -8.30 15.53
C TYR A 102 19.06 -9.75 15.14
N ASP A 103 18.85 -10.69 16.07
CA ASP A 103 19.09 -12.12 15.82
C ASP A 103 17.96 -12.80 15.07
N GLN A 104 16.81 -12.13 14.95
CA GLN A 104 15.72 -12.54 14.03
C GLN A 104 15.63 -11.67 12.76
N LYS A 105 16.78 -11.09 12.37
CA LYS A 105 16.95 -10.28 11.15
C LYS A 105 16.01 -9.07 11.13
N ILE A 106 15.74 -8.50 12.31
CA ILE A 106 14.85 -7.33 12.42
C ILE A 106 15.61 -6.18 13.09
N LEU A 107 15.57 -5.00 12.47
CA LEU A 107 16.10 -3.77 13.07
C LEU A 107 14.96 -3.11 13.86
N GLN A 108 15.04 -3.17 15.19
CA GLN A 108 13.93 -2.79 16.06
C GLN A 108 14.38 -1.49 16.69
N LEU A 109 14.01 -0.39 16.02
CA LEU A 109 14.55 0.90 16.35
C LEU A 109 14.20 1.32 17.77
N ASP A 110 13.01 0.93 18.23
CA ASP A 110 12.54 1.34 19.56
C ASP A 110 13.14 0.54 20.69
N ASP A 111 13.92 -0.50 20.36
CA ASP A 111 14.69 -1.26 21.36
C ASP A 111 16.17 -0.93 21.36
N LEU A 112 16.62 -0.06 20.48
CA LEU A 112 18.03 0.25 20.44
C LEU A 112 18.52 1.00 21.72
N ASP A 113 19.47 0.35 22.39
CA ASP A 113 20.18 0.91 23.51
C ASP A 113 21.30 1.79 22.94
N ILE A 114 21.13 3.10 23.00
CA ILE A 114 22.00 4.02 22.27
C ILE A 114 23.40 4.20 22.88
N ARG A 115 23.60 3.71 24.10
CA ARG A 115 24.93 3.68 24.71
C ARG A 115 25.94 2.92 23.83
N GLY A 116 25.46 1.91 23.11
CA GLY A 116 26.28 1.18 22.16
C GLY A 116 26.89 2.03 21.04
N LEU A 117 26.30 3.19 20.75
CA LEU A 117 26.78 4.13 19.74
C LEU A 117 27.87 5.10 20.23
N GLU A 118 28.16 5.07 21.53
CA GLU A 118 29.02 6.07 22.15
C GLU A 118 30.51 5.62 22.22
N LYS A 119 30.95 4.82 21.24
CA LYS A 119 32.32 4.25 21.20
C LYS A 119 33.37 5.31 20.81
N ALA A 120 34.64 4.94 20.95
CA ALA A 120 35.77 5.86 20.81
C ALA A 120 35.98 6.42 19.41
N ASP A 121 36.00 5.56 18.40
CA ASP A 121 36.44 5.97 17.05
C ASP A 121 35.27 5.89 16.06
N SER A 122 34.17 6.53 16.44
CA SER A 122 32.87 6.35 15.77
C SER A 122 32.53 7.38 14.69
N ALA A 123 33.16 8.54 14.75
CA ALA A 123 32.83 9.67 13.90
C ALA A 123 33.19 9.48 12.41
N THR A 124 32.41 10.12 11.55
CA THR A 124 32.64 10.15 10.11
C THR A 124 32.32 11.59 9.65
N SER A 125 32.85 11.99 8.50
CA SER A 125 32.66 13.35 7.95
C SER A 125 31.42 13.50 7.08
N THR A 126 30.93 12.38 6.55
CA THR A 126 29.75 12.35 5.69
C THR A 126 28.86 11.19 6.06
N VAL A 127 27.62 11.25 5.57
CA VAL A 127 26.57 10.29 5.93
C VAL A 127 26.93 8.92 5.44
N GLU A 128 26.83 7.94 6.34
CA GLU A 128 26.82 6.53 5.96
C GLU A 128 25.45 5.99 6.30
N LEU A 129 24.74 5.51 5.28
CA LEU A 129 23.40 4.97 5.44
C LEU A 129 23.44 3.57 6.04
N TYR A 130 22.50 3.29 6.92
CA TYR A 130 22.31 1.97 7.50
C TYR A 130 20.82 1.70 7.51
N GLY A 131 20.47 0.43 7.40
CA GLY A 131 19.08 -0.01 7.44
C GLY A 131 19.02 -1.42 6.87
N ASN A 132 17.85 -1.78 6.35
CA ASN A 132 17.67 -3.12 5.72
C ASN A 132 18.13 -3.05 4.22
N ILE A 133 19.44 -2.88 4.05
CA ILE A 133 20.07 -2.65 2.73
C ILE A 133 21.42 -3.36 2.69
N GLY A 134 22.04 -3.44 1.50
CA GLY A 134 23.31 -4.13 1.33
C GLY A 134 23.18 -5.59 1.75
N ASN A 135 24.05 -6.04 2.64
CA ASN A 135 23.97 -7.39 3.23
C ASN A 135 22.73 -7.66 4.12
N LYS A 136 21.99 -6.58 4.47
CA LYS A 136 20.71 -6.69 5.17
C LYS A 136 19.51 -6.31 4.29
N SER A 137 19.64 -6.48 2.98
CA SER A 137 18.51 -6.32 2.04
C SER A 137 17.31 -7.30 2.27
N THR A 138 17.57 -8.43 2.93
CA THR A 138 16.51 -9.38 3.32
C THR A 138 15.98 -9.15 4.75
N TRP A 139 16.44 -8.09 5.41
CA TRP A 139 16.05 -7.87 6.80
C TRP A 139 14.80 -7.01 6.78
N THR A 140 14.13 -6.95 7.93
CA THR A 140 12.96 -6.08 8.07
C THR A 140 13.30 -4.96 9.09
N THR A 141 12.51 -3.89 9.12
CA THR A 141 12.57 -2.92 10.23
C THR A 141 11.17 -2.75 10.80
N ASN A 142 11.07 -2.43 12.10
CA ASN A 142 9.74 -2.24 12.72
C ASN A 142 8.96 -1.03 12.17
N VAL A 143 9.64 -0.13 11.46
CA VAL A 143 9.05 1.09 10.89
C VAL A 143 8.48 0.92 9.48
N GLY A 144 9.07 0.04 8.69
CA GLY A 144 8.61 -0.21 7.32
C GLY A 144 8.33 -1.66 6.94
N ASN A 145 8.52 -2.59 7.89
CA ASN A 145 8.40 -4.05 7.64
C ASN A 145 9.34 -4.51 6.51
N ASN A 146 8.80 -4.97 5.37
CA ASN A 146 9.62 -5.38 4.21
C ASN A 146 10.12 -4.24 3.33
N THR A 147 9.56 -3.04 3.48
CA THR A 147 9.93 -1.94 2.60
C THR A 147 11.36 -1.48 2.96
N GLU A 148 12.06 -0.97 1.97
CA GLU A 148 13.45 -0.60 2.14
C GLU A 148 13.50 0.73 2.93
N VAL A 149 14.10 0.71 4.12
CA VAL A 149 14.33 1.92 4.88
C VAL A 149 15.79 2.07 5.32
N LYS A 150 16.31 3.30 5.33
CA LYS A 150 17.68 3.50 5.77
C LYS A 150 17.86 4.93 6.30
N TRP A 151 18.87 5.10 7.15
CA TRP A 151 19.06 6.37 7.80
C TRP A 151 20.50 6.72 8.06
N GLY A 152 20.77 8.03 8.13
CA GLY A 152 22.04 8.53 8.63
C GLY A 152 21.90 8.65 10.12
N SER A 153 22.94 8.34 10.88
CA SER A 153 22.84 8.42 12.33
C SER A 153 23.71 9.54 12.86
N VAL A 154 23.16 10.30 13.82
CA VAL A 154 23.85 11.41 14.49
C VAL A 154 23.65 11.36 16.01
N LEU A 155 24.70 11.74 16.78
CA LEU A 155 24.58 11.95 18.21
C LEU A 155 24.57 13.43 18.51
N LEU A 156 23.53 13.87 19.18
CA LEU A 156 23.38 15.27 19.54
C LEU A 156 23.07 15.38 21.01
N LYS A 157 23.66 16.39 21.63
CA LYS A 157 23.27 16.83 22.95
C LYS A 157 22.22 17.95 22.89
N ARG A 158 21.61 18.22 24.02
CA ARG A 158 20.71 19.36 24.18
C ARG A 158 21.33 20.62 23.55
N GLY A 159 20.57 21.31 22.72
CA GLY A 159 20.99 22.50 22.01
C GLY A 159 21.73 22.33 20.70
N GLN A 160 22.25 21.12 20.46
CA GLN A 160 22.97 20.79 19.25
C GLN A 160 22.01 20.47 18.14
N SER A 161 22.46 20.68 16.92
CA SER A 161 21.60 20.50 15.76
C SER A 161 22.30 19.78 14.65
N VAL A 162 21.50 19.18 13.79
CA VAL A 162 21.96 18.63 12.51
C VAL A 162 21.11 19.22 11.39
N THR A 163 21.75 19.56 10.26
CA THR A 163 21.05 20.08 9.08
C THR A 163 21.01 18.96 8.04
N ALA A 164 19.80 18.54 7.69
CA ALA A 164 19.58 17.49 6.70
C ALA A 164 19.06 18.11 5.41
N THR A 165 19.77 17.89 4.31
CA THR A 165 19.34 18.26 2.98
C THR A 165 18.94 17.03 2.16
N TYR A 166 17.72 17.01 1.62
CA TYR A 166 17.15 15.90 0.84
C TYR A 166 16.98 16.39 -0.61
N THR A 167 17.67 15.75 -1.55
CA THR A 167 17.58 16.09 -3.00
C THR A 167 17.13 14.85 -3.73
N ASN A 168 17.09 14.89 -5.07
CA ASN A 168 16.65 13.75 -5.93
C ASN A 168 15.17 13.34 -5.78
N LEU A 169 14.34 14.34 -5.53
CA LEU A 169 12.95 14.13 -5.19
C LEU A 169 12.14 13.88 -6.48
N GLN A 170 11.41 12.77 -6.53
CA GLN A 170 10.68 12.34 -7.72
C GLN A 170 9.14 12.62 -7.76
N LYS A 171 8.50 12.78 -6.60
CA LYS A 171 7.03 12.89 -6.55
C LYS A 171 6.49 14.06 -5.72
N THR A 172 7.33 14.99 -5.29
CA THR A 172 6.88 16.10 -4.43
C THR A 172 6.53 17.30 -5.30
N TYR A 173 5.35 17.87 -5.05
CA TYR A 173 4.86 19.04 -5.78
C TYR A 173 4.21 20.01 -4.81
N TYR A 174 4.41 21.30 -5.03
CA TYR A 174 3.62 22.35 -4.39
C TYR A 174 2.87 23.18 -5.47
N ASN A 175 1.55 23.31 -5.35
CA ASN A 175 0.75 24.02 -6.39
C ASN A 175 1.03 23.48 -7.80
N GLY A 176 1.21 22.16 -7.89
CA GLY A 176 1.56 21.49 -9.14
C GLY A 176 2.94 21.73 -9.74
N LYS A 177 3.83 22.46 -9.06
CA LYS A 177 5.22 22.64 -9.50
C LYS A 177 6.16 21.72 -8.70
N LYS A 178 7.22 21.23 -9.34
CA LYS A 178 8.11 20.24 -8.73
C LYS A 178 9.00 20.87 -7.64
N VAL A 179 9.13 20.16 -6.52
CA VAL A 179 9.99 20.57 -5.43
C VAL A 179 11.35 19.94 -5.69
N SER A 180 12.41 20.74 -5.61
CA SER A 180 13.76 20.26 -5.97
C SER A 180 14.58 19.79 -4.78
N LYS A 181 14.33 20.34 -3.61
CA LYS A 181 15.17 20.11 -2.44
C LYS A 181 14.38 20.48 -1.16
N ILE A 182 14.59 19.72 -0.10
CA ILE A 182 14.01 20.01 1.23
C ILE A 182 15.15 20.09 2.26
N VAL A 183 15.19 21.13 3.06
CA VAL A 183 16.22 21.25 4.10
C VAL A 183 15.52 21.29 5.45
N TYR A 184 15.91 20.39 6.34
CA TYR A 184 15.46 20.38 7.73
C TYR A 184 16.64 20.64 8.62
N LYS A 185 16.49 21.51 9.62
CA LYS A 185 17.41 21.55 10.74
C LYS A 185 16.69 20.93 11.93
N TYR A 186 17.28 19.86 12.47
CA TYR A 186 16.79 19.17 13.67
C TYR A 186 17.62 19.55 14.90
N THR A 187 16.99 20.05 15.95
CA THR A 187 17.71 20.43 17.18
C THR A 187 17.14 19.72 18.41
N VAL A 188 18.01 19.19 19.27
CA VAL A 188 17.53 18.62 20.53
C VAL A 188 17.10 19.76 21.45
N ASP A 189 15.83 19.77 21.82
CA ASP A 189 15.27 20.76 22.70
C ASP A 189 15.95 20.64 24.05
N LYS A 190 16.56 21.75 24.49
CA LYS A 190 17.28 21.79 25.76
C LYS A 190 16.45 21.37 26.98
N ASP A 191 15.15 21.57 26.91
CA ASP A 191 14.30 21.25 28.03
C ASP A 191 13.92 19.75 28.10
N SER A 192 14.42 18.94 27.16
CA SER A 192 14.22 17.49 27.24
C SER A 192 14.76 16.98 28.59
N LYS A 193 14.06 16.02 29.20
CA LYS A 193 14.39 15.52 30.54
C LYS A 193 15.02 14.12 30.60
N PHE A 194 15.41 13.58 29.45
CA PHE A 194 16.01 12.23 29.36
C PHE A 194 17.27 12.12 30.23
N GLN A 195 17.54 10.91 30.75
CA GLN A 195 18.58 10.68 31.77
C GLN A 195 19.90 10.13 31.21
N ASN A 196 20.02 9.87 29.91
CA ASN A 196 21.22 9.24 29.37
C ASN A 196 22.46 10.05 29.88
N PRO A 197 23.33 9.43 30.72
CA PRO A 197 24.41 10.16 31.39
C PRO A 197 25.33 10.99 30.48
N SER A 198 25.63 10.51 29.30
CA SER A 198 26.41 11.27 28.32
C SER A 198 25.71 12.54 27.81
N GLY A 199 24.37 12.59 27.90
CA GLY A 199 23.60 13.73 27.44
C GLY A 199 23.24 13.63 25.97
N ASN A 200 23.64 12.53 25.35
CA ASN A 200 23.44 12.27 23.92
C ASN A 200 22.08 11.71 23.59
N VAL A 201 21.61 12.09 22.42
CA VAL A 201 20.35 11.60 21.81
C VAL A 201 20.76 11.06 20.46
N TRP A 202 20.22 9.94 20.08
CA TRP A 202 20.47 9.44 18.73
C TRP A 202 19.34 9.90 17.81
N LEU A 203 19.66 10.57 16.72
CA LEU A 203 18.69 10.79 15.65
C LEU A 203 19.01 9.88 14.49
N GLY A 204 18.08 9.00 14.17
CA GLY A 204 18.07 8.26 12.92
C GLY A 204 17.25 9.07 11.92
N VAL A 205 17.94 9.67 10.95
CA VAL A 205 17.30 10.51 9.95
C VAL A 205 17.13 9.70 8.69
N PHE A 206 15.89 9.30 8.40
CA PHE A 206 15.63 8.42 7.23
C PHE A 206 15.90 9.16 5.90
N SER A 207 16.36 8.43 4.90
CA SER A 207 16.70 9.00 3.57
C SER A 207 15.46 9.57 2.88
N ASP A 208 14.33 8.86 3.01
CA ASP A 208 12.99 9.34 2.61
C ASP A 208 12.45 10.34 3.65
N PRO A 209 12.47 11.65 3.34
CA PRO A 209 12.03 12.59 4.35
C PRO A 209 10.58 12.43 4.83
N THR A 210 9.71 11.75 4.07
CA THR A 210 8.33 11.53 4.50
C THR A 210 8.19 10.53 5.64
N LEU A 211 9.23 9.73 5.88
CA LEU A 211 9.30 8.85 7.03
C LEU A 211 9.79 9.54 8.27
N GLY A 212 10.48 10.66 8.12
CA GLY A 212 10.82 11.53 9.24
C GLY A 212 12.07 11.14 9.98
N VAL A 213 11.95 10.96 11.30
CA VAL A 213 13.07 10.85 12.21
C VAL A 213 12.74 9.86 13.31
N PHE A 214 13.71 9.02 13.68
CA PHE A 214 13.63 8.21 14.91
C PHE A 214 14.56 8.85 15.91
N ALA A 215 14.02 9.35 17.01
CA ALA A 215 14.81 10.06 17.97
C ALA A 215 14.75 9.27 19.23
N SER A 216 15.91 9.02 19.85
CA SER A 216 15.97 8.17 21.04
C SER A 216 17.09 8.49 21.99
N ALA A 217 16.76 8.48 23.26
CA ALA A 217 17.74 8.47 24.34
C ALA A 217 17.68 7.20 25.18
N TYR A 218 17.11 6.13 24.64
CA TYR A 218 16.83 4.93 25.39
C TYR A 218 18.14 4.19 25.71
N THR A 219 18.34 3.84 26.99
CA THR A 219 19.56 3.17 27.46
C THR A 219 19.30 1.68 27.81
N GLY A 220 18.15 1.18 27.43
CA GLY A 220 17.76 -0.18 27.80
C GLY A 220 17.01 -0.30 29.10
N GLN A 221 16.66 0.82 29.74
CA GLN A 221 15.70 0.84 30.85
C GLN A 221 14.67 1.95 30.62
N VAL A 222 13.48 1.79 31.19
CA VAL A 222 12.46 2.86 31.16
C VAL A 222 12.87 4.00 32.14
N GLU A 223 12.26 5.17 31.97
CA GLU A 223 12.62 6.36 32.80
C GLU A 223 11.35 7.04 33.23
N LYS A 224 11.31 7.41 34.50
CA LYS A 224 10.23 8.21 35.05
C LYS A 224 10.56 9.69 34.84
N ASP A 225 9.50 10.47 34.64
CA ASP A 225 9.59 11.91 34.45
C ASP A 225 10.65 12.26 33.39
N THR A 226 10.52 11.61 32.25
CA THR A 226 11.44 11.76 31.14
C THR A 226 10.73 12.44 29.97
N SER A 227 11.54 12.92 29.05
CA SER A 227 11.05 13.48 27.81
C SER A 227 12.14 13.58 26.80
N ILE A 228 11.74 13.61 25.52
CA ILE A 228 12.64 13.87 24.39
C ILE A 228 11.87 14.69 23.39
N PHE A 229 12.41 15.88 23.10
CA PHE A 229 11.84 16.81 22.12
C PHE A 229 12.85 17.20 21.07
N ILE A 230 12.40 17.22 19.83
CA ILE A 230 13.21 17.57 18.66
C ILE A 230 12.52 18.68 17.93
N LYS A 231 13.22 19.83 17.82
CA LYS A 231 12.77 20.94 17.05
C LYS A 231 13.12 20.69 15.61
N ASN A 232 12.16 20.96 14.72
CA ASN A 232 12.26 20.68 13.30
C ASN A 232 11.98 21.99 12.58
N GLU A 233 13.00 22.60 12.01
CA GLU A 233 12.82 23.77 11.15
C GLU A 233 13.08 23.38 9.73
N PHE A 234 12.23 23.82 8.81
CA PHE A 234 12.29 23.37 7.43
C PHE A 234 11.93 24.42 6.39
N THR A 235 12.55 24.26 5.24
CA THR A 235 12.36 25.07 4.06
C THR A 235 12.33 24.14 2.86
N PHE A 236 11.36 24.32 1.96
CA PHE A 236 11.22 23.52 0.73
C PHE A 236 11.68 24.42 -0.42
N TYR A 237 12.24 23.84 -1.49
CA TYR A 237 12.85 24.64 -2.59
C TYR A 237 12.27 24.27 -3.95
N ASP A 238 12.07 25.30 -4.77
CA ASP A 238 11.43 25.17 -6.11
C ASP A 238 12.44 24.83 -7.20
N GLU A 239 11.91 24.50 -8.37
CA GLU A 239 12.72 24.11 -9.56
C GLU A 239 13.93 25.03 -9.84
N ASN A 240 13.83 26.30 -9.47
CA ASN A 240 14.95 27.25 -9.57
C ASN A 240 15.79 27.40 -8.29
N ASP A 241 15.68 26.41 -7.38
CA ASP A 241 16.45 26.36 -6.14
C ASP A 241 16.15 27.57 -5.20
N GLN A 242 14.94 28.11 -5.29
CA GLN A 242 14.50 29.22 -4.44
C GLN A 242 13.53 28.71 -3.35
N PRO A 243 13.57 29.29 -2.14
CA PRO A 243 12.63 28.87 -1.07
C PRO A 243 11.18 29.06 -1.48
N ILE A 244 10.34 28.08 -1.16
CA ILE A 244 8.91 28.16 -1.46
C ILE A 244 8.25 28.95 -0.34
N ASN A 245 7.43 29.91 -0.74
CA ASN A 245 6.62 30.68 0.18
C ASN A 245 5.27 29.98 0.21
N PHE A 246 5.08 29.09 1.17
CA PHE A 246 3.83 28.31 1.26
C PHE A 246 2.64 29.25 1.50
N ASP A 247 1.51 28.88 0.94
CA ASP A 247 0.24 29.54 1.25
C ASP A 247 -0.79 28.50 1.71
N ASN A 248 -0.85 28.31 3.04
CA ASN A 248 -1.73 27.30 3.67
C ASN A 248 -1.57 25.87 3.12
N ALA A 249 -0.33 25.45 2.93
CA ALA A 249 -0.02 24.03 2.75
C ALA A 249 -0.39 23.30 4.02
N LEU A 250 -0.84 22.04 3.87
CA LEU A 250 -1.24 21.25 5.01
C LEU A 250 -0.15 20.30 5.43
N LEU A 251 0.21 20.36 6.69
CA LEU A 251 1.23 19.47 7.23
C LEU A 251 0.53 18.46 8.14
N SER A 252 0.82 17.19 7.97
CA SER A 252 0.20 16.15 8.78
C SER A 252 1.10 15.85 9.99
N VAL A 253 0.50 15.86 11.18
CA VAL A 253 1.11 15.40 12.43
C VAL A 253 0.32 14.18 12.92
N ALA A 254 0.83 13.01 12.60
CA ALA A 254 0.09 11.75 12.82
C ALA A 254 0.73 11.01 13.98
N SER A 255 0.08 9.91 14.38
CA SER A 255 0.60 9.04 15.39
C SER A 255 0.98 9.80 16.70
N LEU A 256 0.08 10.67 17.18
CA LEU A 256 0.26 11.34 18.46
C LEU A 256 -0.30 10.45 19.59
N ASN A 257 0.50 9.47 19.94
CA ASN A 257 0.06 8.39 20.85
C ASN A 257 0.01 8.87 22.28
N ARG A 258 -1.10 8.60 22.97
CA ARG A 258 -1.20 8.76 24.42
C ARG A 258 -1.59 7.46 25.14
N GLU A 259 -0.67 6.93 25.94
CA GLU A 259 -0.96 5.85 26.88
C GLU A 259 -1.07 6.44 28.28
N ASN A 260 -1.37 5.59 29.26
CA ASN A 260 -1.53 6.06 30.65
C ASN A 260 -0.27 6.69 31.26
N ASN A 261 0.90 6.39 30.71
CA ASN A 261 2.15 6.94 31.21
C ASN A 261 2.93 7.79 30.21
N SER A 262 2.36 8.14 29.06
CA SER A 262 3.19 8.65 27.95
C SER A 262 2.35 9.44 26.97
N ILE A 263 2.78 10.67 26.66
CA ILE A 263 2.08 11.52 25.70
C ILE A 263 3.06 11.87 24.59
N GLU A 264 2.64 11.65 23.35
CA GLU A 264 3.35 12.18 22.18
C GLU A 264 2.68 13.47 21.76
N MET A 265 3.48 14.48 21.50
CA MET A 265 2.94 15.84 21.27
C MET A 265 3.78 16.70 20.34
N ALA A 266 3.11 17.62 19.67
CA ALA A 266 3.76 18.64 18.88
C ALA A 266 3.57 19.98 19.61
N LYS A 267 4.59 20.79 19.57
CA LYS A 267 4.51 22.13 20.18
C LYS A 267 5.37 23.12 19.44
N ASP A 268 5.33 24.39 19.90
CA ASP A 268 6.24 25.40 19.37
C ASP A 268 6.23 25.43 17.85
N TYR A 269 5.02 25.52 17.31
CA TYR A 269 4.81 25.35 15.90
C TYR A 269 4.41 26.66 15.25
N THR A 270 4.87 26.85 14.01
CA THR A 270 4.38 27.91 13.15
C THR A 270 3.09 27.46 12.51
N GLY A 271 2.27 28.43 12.14
CA GLY A 271 1.03 28.14 11.41
C GLY A 271 -0.13 27.83 12.31
N LYS A 272 -1.19 27.27 11.73
CA LYS A 272 -2.46 27.16 12.40
C LYS A 272 -2.90 25.72 12.52
N PHE A 273 -3.12 25.28 13.75
CA PHE A 273 -3.64 23.94 13.98
C PHE A 273 -5.07 23.85 13.47
N VAL A 274 -5.38 22.75 12.78
CA VAL A 274 -6.71 22.49 12.30
C VAL A 274 -7.10 21.11 12.82
N ARG A 275 -8.10 21.12 13.69
CA ARG A 275 -8.57 19.92 14.34
C ARG A 275 -9.31 19.02 13.34
N ILE A 276 -9.17 17.71 13.48
CA ILE A 276 -10.00 16.77 12.74
C ILE A 276 -11.15 16.32 13.65
N SER A 277 -12.38 16.42 13.13
CA SER A 277 -13.59 15.99 13.87
C SER A 277 -13.52 14.53 14.24
N GLY A 278 -13.81 14.21 15.50
CA GLY A 278 -13.78 12.87 16.00
C GLY A 278 -12.44 12.38 16.51
N SER A 279 -11.40 13.21 16.37
CA SER A 279 -10.03 12.80 16.72
C SER A 279 -9.77 12.98 18.19
N SER A 280 -8.83 12.19 18.71
CA SER A 280 -8.34 12.39 20.08
C SER A 280 -7.48 13.67 20.21
N ILE A 281 -7.00 14.19 19.10
CA ILE A 281 -6.03 15.24 19.10
C ILE A 281 -6.68 16.59 19.07
N ASP A 282 -6.24 17.45 19.98
CA ASP A 282 -6.63 18.87 19.96
C ASP A 282 -5.44 19.73 20.38
N GLU A 283 -5.63 21.04 20.39
CA GLU A 283 -4.63 21.95 20.85
C GLU A 283 -5.02 22.44 22.23
N LYS A 284 -4.03 22.60 23.08
CA LYS A 284 -4.20 23.12 24.41
C LYS A 284 -2.89 23.77 24.82
N ASP A 285 -2.92 25.07 25.09
CA ASP A 285 -1.76 25.86 25.57
C ASP A 285 -0.55 25.77 24.61
N GLY A 286 -0.81 25.92 23.32
CA GLY A 286 0.22 25.81 22.29
C GLY A 286 0.76 24.40 22.00
N LYS A 287 0.15 23.37 22.58
CA LYS A 287 0.60 21.96 22.45
C LYS A 287 -0.50 21.18 21.80
N ILE A 288 -0.12 20.23 20.94
CA ILE A 288 -1.08 19.43 20.18
C ILE A 288 -0.89 18.00 20.64
N TYR A 289 -1.92 17.41 21.20
CA TYR A 289 -1.83 16.03 21.69
C TYR A 289 -3.23 15.56 22.01
N ALA A 290 -3.32 14.34 22.56
CA ALA A 290 -4.59 13.80 23.02
C ALA A 290 -4.97 14.45 24.39
N THR A 291 -5.75 15.53 24.36
CA THR A 291 -5.91 16.43 25.51
C THR A 291 -6.87 15.94 26.60
N LYS A 292 -7.85 15.11 26.22
CA LYS A 292 -8.94 14.69 27.11
C LYS A 292 -9.02 13.19 27.36
N THR A 293 -8.56 12.38 26.41
CA THR A 293 -8.59 10.91 26.51
C THR A 293 -7.24 10.29 26.15
N LEU A 294 -7.05 9.05 26.57
CA LEU A 294 -5.97 8.22 26.07
C LEU A 294 -6.43 7.82 24.68
N ASN A 295 -5.53 7.21 23.90
CA ASN A 295 -5.90 6.65 22.60
C ASN A 295 -5.24 5.31 22.29
N PHE A 296 -4.86 4.60 23.34
CA PHE A 296 -4.10 3.37 23.21
C PHE A 296 -5.01 2.12 23.04
N LYS A 297 -6.04 2.02 23.86
CA LYS A 297 -6.88 0.78 23.89
C LYS A 297 -8.34 1.10 24.14
N LYS A 298 -9.21 0.49 23.33
CA LYS A 298 -10.68 0.69 23.44
C LYS A 298 -11.17 0.54 24.90
N GLY A 299 -11.96 1.50 25.36
CA GLY A 299 -12.48 1.48 26.73
C GLY A 299 -11.57 2.07 27.80
N GLN A 300 -10.25 2.14 27.54
CA GLN A 300 -9.27 2.53 28.54
C GLN A 300 -9.04 4.03 28.43
N GLY A 301 -9.20 4.71 29.55
CA GLY A 301 -8.99 6.13 29.63
C GLY A 301 -9.74 6.96 28.62
N GLY A 302 -10.89 6.45 28.16
CA GLY A 302 -11.77 7.15 27.22
C GLY A 302 -11.48 6.96 25.75
N SER A 303 -10.54 6.08 25.40
CA SER A 303 -10.16 5.86 24.01
C SER A 303 -11.26 5.10 23.26
N ARG A 304 -11.63 5.57 22.08
CA ARG A 304 -12.64 4.91 21.22
C ARG A 304 -12.13 3.64 20.58
N TRP A 305 -10.85 3.62 20.27
CA TRP A 305 -10.27 2.54 19.50
C TRP A 305 -8.92 2.13 20.05
N THR A 306 -8.43 1.02 19.52
CA THR A 306 -7.20 0.45 19.93
C THR A 306 -6.15 0.67 18.86
N MET A 307 -5.03 1.19 19.32
CA MET A 307 -3.97 1.69 18.46
C MET A 307 -3.34 0.62 17.57
N TYR A 308 -3.22 -0.59 18.11
CA TYR A 308 -2.61 -1.74 17.39
C TYR A 308 -3.72 -2.69 16.92
N PRO A 309 -3.45 -3.47 15.84
CA PRO A 309 -4.50 -4.38 15.35
C PRO A 309 -4.63 -5.56 16.32
N ASN A 310 -5.81 -5.69 16.93
CA ASN A 310 -6.14 -6.84 17.80
C ASN A 310 -7.23 -7.79 17.23
N GLY A 311 -8.00 -7.32 16.25
CA GLY A 311 -9.12 -8.07 15.67
C GLY A 311 -10.39 -7.25 15.65
N GLN A 312 -10.53 -6.32 16.60
CA GLN A 312 -11.78 -5.54 16.77
C GLN A 312 -11.95 -4.51 15.64
N GLU A 313 -13.15 -3.95 15.58
CA GLU A 313 -13.52 -2.99 14.55
C GLU A 313 -12.91 -1.62 14.83
N GLY A 314 -12.14 -1.12 13.87
CA GLY A 314 -11.44 0.16 13.99
C GLY A 314 -10.17 0.13 14.84
N SER A 315 -9.67 -1.09 15.10
CA SER A 315 -8.43 -1.26 15.83
C SER A 315 -7.30 -1.13 14.82
N GLY A 316 -6.09 -0.89 15.32
CA GLY A 316 -4.95 -0.64 14.44
C GLY A 316 -5.06 0.73 13.77
N TRP A 317 -5.73 1.68 14.42
CA TRP A 317 -5.73 3.07 13.89
C TRP A 317 -4.34 3.65 13.57
N ASP A 318 -3.31 3.24 14.31
CA ASP A 318 -1.97 3.82 14.14
C ASP A 318 -1.06 3.22 13.07
N SER A 319 -1.33 3.55 11.82
CA SER A 319 -0.41 3.23 10.73
C SER A 319 -0.74 4.12 9.54
N SER A 320 0.14 4.10 8.55
CA SER A 320 0.04 4.98 7.38
C SER A 320 -1.24 4.78 6.57
N ASP A 321 -1.71 3.54 6.47
CA ASP A 321 -2.79 3.18 5.55
C ASP A 321 -4.16 2.88 6.21
N ALA A 322 -4.24 2.94 7.54
CA ALA A 322 -5.47 2.63 8.26
C ALA A 322 -6.50 3.73 8.03
N PRO A 323 -7.76 3.35 7.74
CA PRO A 323 -8.79 4.36 7.41
C PRO A 323 -9.10 5.36 8.54
N ASN A 324 -8.94 4.96 9.80
CA ASN A 324 -9.21 5.85 10.93
C ASN A 324 -7.93 6.35 11.65
N SER A 325 -6.82 6.44 10.93
CA SER A 325 -5.55 6.96 11.49
C SER A 325 -5.67 8.40 11.95
N TRP A 326 -6.66 9.11 11.40
CA TRP A 326 -7.03 10.43 11.89
C TRP A 326 -7.35 10.48 13.37
N TYR A 327 -7.65 9.33 13.98
CA TYR A 327 -7.92 9.31 15.43
C TYR A 327 -6.78 9.84 16.28
N GLY A 328 -5.54 9.59 15.87
CA GLY A 328 -4.37 10.16 16.53
C GLY A 328 -3.65 11.24 15.71
N ALA A 329 -4.36 11.91 14.81
CA ALA A 329 -3.76 12.91 13.94
C ALA A 329 -4.39 14.27 14.05
N GLY A 330 -3.61 15.21 13.59
CA GLY A 330 -4.07 16.57 13.28
C GLY A 330 -3.33 17.09 12.07
N ALA A 331 -3.59 18.37 11.78
CA ALA A 331 -3.04 19.04 10.64
C ALA A 331 -2.66 20.44 11.08
N VAL A 332 -1.57 20.91 10.51
CA VAL A 332 -1.13 22.30 10.68
C VAL A 332 -1.06 22.96 9.29
N LYS A 333 -1.78 24.08 9.16
CA LYS A 333 -1.79 24.88 7.95
C LYS A 333 -0.60 25.81 8.03
N ILE A 334 0.37 25.66 7.11
CA ILE A 334 1.60 26.47 7.17
C ILE A 334 1.72 27.48 6.01
N SER A 335 2.38 28.59 6.30
CA SER A 335 2.68 29.61 5.32
C SER A 335 4.11 30.14 5.54
N GLY A 336 4.60 30.88 4.56
CA GLY A 336 5.97 31.39 4.59
C GLY A 336 6.97 30.40 4.07
N GLN A 337 8.21 30.85 4.06
CA GLN A 337 9.28 30.08 3.51
C GLN A 337 10.06 29.28 4.56
N HIS A 338 9.94 29.66 5.84
CA HIS A 338 10.67 28.99 6.94
C HIS A 338 9.63 28.60 8.00
N ASN A 339 9.55 27.32 8.31
CA ASN A 339 8.56 26.84 9.27
C ASN A 339 9.22 25.93 10.28
N SER A 340 8.52 25.76 11.40
CA SER A 340 9.08 25.13 12.57
C SER A 340 8.02 24.37 13.36
N ILE A 341 8.38 23.20 13.88
CA ILE A 341 7.53 22.49 14.82
C ILE A 341 8.40 21.59 15.67
N THR A 342 8.03 21.42 16.92
CA THR A 342 8.76 20.54 17.84
C THR A 342 7.91 19.33 18.13
N LEU A 343 8.51 18.15 17.94
CA LEU A 343 7.84 16.85 18.22
C LEU A 343 8.57 16.16 19.33
N GLY A 344 7.82 15.55 20.22
CA GLY A 344 8.41 14.68 21.23
C GLY A 344 7.44 13.81 22.00
N ALA A 345 8.00 13.12 22.96
CA ALA A 345 7.33 12.23 23.86
C ALA A 345 7.77 12.57 25.27
N ILE A 346 6.79 12.60 26.17
CA ILE A 346 6.98 13.00 27.56
C ILE A 346 6.15 12.17 28.52
N SER A 347 6.69 11.92 29.70
CA SER A 347 5.96 11.21 30.75
C SER A 347 4.69 11.99 31.08
N ALA A 348 3.55 11.31 31.12
CA ALA A 348 2.24 11.95 31.35
C ALA A 348 2.20 12.85 32.58
N THR A 349 2.88 12.46 33.65
CA THR A 349 2.81 13.20 34.92
C THR A 349 3.48 14.55 34.88
N LEU A 350 4.29 14.81 33.85
CA LEU A 350 4.88 16.15 33.64
C LEU A 350 3.92 17.09 32.92
N VAL A 351 2.87 16.54 32.34
CA VAL A 351 1.94 17.30 31.51
C VAL A 351 0.57 17.50 32.17
N VAL A 352 0.03 16.46 32.81
CA VAL A 352 -1.29 16.49 33.40
C VAL A 352 -1.19 16.09 34.86
N PRO A 353 -2.24 16.38 35.67
CA PRO A 353 -2.21 15.91 37.04
C PRO A 353 -2.10 14.39 37.15
N SER A 354 -1.35 13.94 38.13
CA SER A 354 -1.25 12.52 38.41
C SER A 354 -2.63 11.90 38.61
N ASP A 355 -2.85 10.74 38.05
CA ASP A 355 -4.17 10.10 38.11
C ASP A 355 -4.01 8.62 37.80
N SER A 356 -4.76 7.78 38.52
CA SER A 356 -4.58 6.33 38.49
C SER A 356 -4.92 5.69 37.14
N VAL A 357 -5.81 6.32 36.37
CA VAL A 357 -6.13 5.88 34.98
C VAL A 357 -5.37 6.73 33.93
N MET A 358 -5.44 8.07 34.05
CA MET A 358 -5.01 8.97 32.99
C MET A 358 -3.53 9.35 32.97
N ALA A 359 -2.82 9.17 34.07
CA ALA A 359 -1.44 9.63 34.19
C ALA A 359 -0.72 8.92 35.33
N VAL A 360 -0.29 7.70 35.06
CA VAL A 360 0.48 6.91 36.04
C VAL A 360 1.97 7.27 36.03
N GLU A 361 2.67 6.95 37.11
CA GLU A 361 4.08 7.33 37.26
C GLU A 361 5.07 6.36 36.53
N THR A 362 4.55 5.26 36.01
CA THR A 362 5.35 4.22 35.39
C THR A 362 6.29 4.74 34.32
N GLY A 363 7.56 4.33 34.40
CA GLY A 363 8.55 4.76 33.45
C GLY A 363 8.25 4.44 31.99
N LYS A 364 8.83 5.22 31.08
CA LYS A 364 8.67 4.99 29.63
C LYS A 364 10.02 5.05 28.93
N LYS A 365 10.05 4.64 27.67
CA LYS A 365 11.24 4.79 26.82
C LYS A 365 11.29 6.20 26.23
N PRO A 366 12.43 6.89 26.40
CA PRO A 366 12.52 8.23 25.84
C PRO A 366 12.86 8.15 24.35
N ASN A 367 11.88 7.73 23.55
CA ASN A 367 12.07 7.67 22.11
C ASN A 367 10.79 7.95 21.40
N ILE A 368 10.90 8.19 20.12
CA ILE A 368 9.77 8.55 19.30
C ILE A 368 10.19 8.45 17.87
N TRP A 369 9.30 7.89 17.09
CA TRP A 369 9.30 7.99 15.67
C TRP A 369 8.24 8.96 15.27
N TYR A 370 8.62 10.04 14.60
CA TYR A 370 7.64 10.94 14.03
C TYR A 370 7.98 11.29 12.62
N SER A 371 6.96 11.81 11.94
CA SER A 371 7.05 12.19 10.55
C SER A 371 6.28 13.47 10.36
N LEU A 372 6.69 14.24 9.39
CA LEU A 372 5.98 15.41 9.01
C LEU A 372 5.90 15.28 7.52
N ASN A 373 4.69 15.17 7.00
CA ASN A 373 4.52 15.11 5.59
C ASN A 373 3.17 15.63 5.21
N GLY A 374 2.87 15.52 3.92
CA GLY A 374 1.62 15.97 3.38
C GLY A 374 0.49 14.99 3.35
N LYS A 375 0.68 13.80 3.93
CA LYS A 375 -0.36 12.77 3.89
C LYS A 375 -1.34 13.04 5.05
N ILE A 376 -2.23 13.99 4.80
CA ILE A 376 -3.24 14.41 5.77
C ILE A 376 -4.20 13.24 6.00
N ARG A 377 -4.46 12.92 7.24
CA ARG A 377 -5.21 11.69 7.57
C ARG A 377 -6.72 11.93 7.58
N ALA A 378 -7.16 13.19 7.56
CA ALA A 378 -8.56 13.48 7.35
C ALA A 378 -9.11 12.88 6.04
N VAL A 379 -10.41 12.72 5.98
CA VAL A 379 -11.04 12.04 4.84
C VAL A 379 -11.25 13.00 3.67
N ASN A 380 -10.90 12.52 2.47
CA ASN A 380 -11.24 13.14 1.18
C ASN A 380 -10.75 14.59 1.01
N VAL A 381 -9.53 14.82 1.42
CA VAL A 381 -8.94 16.18 1.26
C VAL A 381 -8.42 16.30 -0.18
N PRO A 382 -8.97 17.24 -1.00
CA PRO A 382 -8.51 17.21 -2.40
C PRO A 382 -7.11 17.75 -2.57
N LYS A 383 -6.36 17.12 -3.49
CA LYS A 383 -5.05 17.59 -3.88
C LYS A 383 -5.04 18.48 -5.14
N ILE A 384 -4.16 19.44 -5.16
CA ILE A 384 -3.95 20.34 -6.28
C ILE A 384 -2.77 19.72 -7.00
N THR A 385 -3.01 19.16 -8.18
CA THR A 385 -1.95 18.61 -8.99
C THR A 385 -1.61 19.43 -10.23
N LYS A 386 -2.50 20.35 -10.65
CA LYS A 386 -2.29 21.11 -11.89
C LYS A 386 -1.89 22.55 -11.57
N GLU A 387 -0.73 22.97 -12.06
CA GLU A 387 -0.29 24.37 -11.89
C GLU A 387 -1.24 25.35 -12.63
N ASN A 388 -1.35 26.57 -12.12
CA ASN A 388 -2.00 27.67 -12.82
C ASN A 388 -0.96 28.19 -13.83
N PRO A 389 -1.17 27.97 -15.14
CA PRO A 389 -0.13 28.32 -16.08
C PRO A 389 0.01 29.82 -16.25
N THR A 390 1.24 30.27 -16.35
CA THR A 390 1.50 31.68 -16.55
C THR A 390 1.41 31.93 -18.07
N PRO A 391 0.62 32.96 -18.52
CA PRO A 391 0.57 33.23 -19.98
C PRO A 391 1.98 33.44 -20.51
N PRO A 392 2.33 32.79 -21.63
CA PRO A 392 3.69 32.98 -22.13
C PRO A 392 3.95 34.42 -22.60
N VAL A 393 5.10 34.97 -22.22
CA VAL A 393 5.57 36.28 -22.69
C VAL A 393 6.61 36.13 -23.81
N GLU A 394 6.28 36.63 -25.01
CA GLU A 394 7.26 36.70 -26.09
C GLU A 394 8.43 37.59 -25.65
N PRO A 395 9.70 37.09 -25.71
CA PRO A 395 10.84 37.94 -25.37
C PRO A 395 11.10 39.01 -26.44
N THR A 396 11.84 40.04 -26.06
CA THR A 396 12.19 41.13 -26.99
C THR A 396 13.63 40.93 -27.48
N ALA A 397 13.90 41.35 -28.73
CA ALA A 397 15.19 41.15 -29.37
C ALA A 397 16.22 42.17 -28.87
N PRO A 398 17.53 41.79 -28.79
CA PRO A 398 18.60 42.64 -28.22
C PRO A 398 18.59 44.13 -28.64
N GLU B 5 -17.12 -20.38 41.56
CA GLU B 5 -16.82 -21.21 40.37
C GLU B 5 -17.87 -20.95 39.29
N ALA B 6 -18.62 -22.02 38.96
CA ALA B 6 -19.68 -22.00 37.92
C ALA B 6 -19.08 -22.29 36.54
N LYS B 7 -17.75 -22.20 36.43
CA LYS B 7 -17.06 -22.47 35.14
C LYS B 7 -16.38 -23.83 35.16
N LEU B 8 -16.98 -24.81 35.82
CA LEU B 8 -16.40 -26.16 35.70
C LEU B 8 -16.88 -26.69 34.36
N ALA B 9 -17.99 -26.14 33.85
CA ALA B 9 -18.56 -26.54 32.55
C ALA B 9 -17.58 -26.35 31.41
N LYS B 10 -16.92 -25.19 31.40
CA LYS B 10 -15.86 -24.87 30.45
C LYS B 10 -14.68 -25.84 30.59
N TYR B 11 -14.24 -26.03 31.84
CA TYR B 11 -13.17 -26.98 32.14
C TYR B 11 -13.52 -28.37 31.61
N GLN B 12 -14.71 -28.86 31.94
CA GLN B 12 -15.16 -30.19 31.48
C GLN B 12 -15.29 -30.27 29.96
N ALA B 13 -15.69 -29.17 29.32
CA ALA B 13 -15.74 -29.11 27.86
C ALA B 13 -14.34 -29.23 27.27
N ASP B 14 -13.43 -28.39 27.78
CA ASP B 14 -12.02 -28.41 27.34
C ASP B 14 -11.33 -29.75 27.60
N LEU B 15 -11.73 -30.44 28.67
CA LEU B 15 -11.15 -31.73 29.04
C LEU B 15 -11.58 -32.83 28.06
N ALA B 16 -12.87 -32.91 27.74
CA ALA B 16 -13.36 -33.86 26.71
C ALA B 16 -12.66 -33.62 25.35
N LYS B 17 -12.54 -32.35 24.96
CA LYS B 17 -11.80 -31.92 23.75
C LYS B 17 -10.33 -32.36 23.75
N TYR B 18 -9.70 -32.25 24.91
CA TYR B 18 -8.31 -32.66 25.09
C TYR B 18 -8.18 -34.16 24.94
N GLN B 19 -9.11 -34.89 25.53
CA GLN B 19 -9.10 -36.35 25.51
C GLN B 19 -9.24 -36.83 24.07
N LYS B 20 -10.16 -36.20 23.32
CA LYS B 20 -10.38 -36.54 21.91
C LYS B 20 -9.16 -36.18 21.04
N ASP B 21 -8.62 -34.98 21.21
CA ASP B 21 -7.37 -34.57 20.58
C ASP B 21 -6.20 -35.50 20.88
N LEU B 22 -6.08 -35.97 22.12
CA LEU B 22 -5.01 -36.90 22.50
C LEU B 22 -5.10 -38.23 21.77
N ALA B 23 -6.30 -38.79 21.70
CA ALA B 23 -6.55 -40.05 20.96
C ALA B 23 -6.33 -39.92 19.46
N GLU B 24 -6.68 -38.77 18.88
CA GLU B 24 -6.47 -38.52 17.45
C GLU B 24 -5.09 -37.99 17.06
N TYR B 25 -4.26 -37.58 18.02
CA TYR B 25 -2.97 -36.97 17.68
C TYR B 25 -2.04 -37.92 16.91
N PRO B 26 -1.84 -39.16 17.41
CA PRO B 26 -0.89 -39.99 16.65
C PRO B 26 -1.19 -40.11 15.14
N GLN B 27 -2.45 -40.25 14.76
CA GLN B 27 -2.82 -40.46 13.34
C GLN B 27 -2.60 -39.18 12.53
N LYS B 28 -2.98 -38.04 13.11
CA LYS B 28 -2.67 -36.74 12.53
C LYS B 28 -1.17 -36.57 12.32
N LEU B 29 -0.37 -36.97 13.31
CA LEU B 29 1.10 -36.83 13.20
C LEU B 29 1.65 -37.78 12.13
N LYS B 30 1.14 -39.02 12.10
CA LYS B 30 1.53 -39.96 11.06
C LYS B 30 1.25 -39.42 9.63
N GLU B 31 0.05 -38.88 9.42
CA GLU B 31 -0.33 -38.35 8.12
C GLU B 31 0.50 -37.14 7.73
N TYR B 32 0.79 -36.26 8.69
CA TYR B 32 1.69 -35.14 8.45
C TYR B 32 3.08 -35.61 8.05
N ASN B 33 3.67 -36.50 8.83
CA ASN B 33 5.00 -37.01 8.50
C ASN B 33 5.06 -37.70 7.13
N GLU B 34 4.04 -38.50 6.81
CA GLU B 34 4.01 -39.19 5.52
C GLU B 34 3.91 -38.17 4.38
N GLU B 35 3.03 -37.19 4.50
CA GLU B 35 2.95 -36.17 3.44
C GLU B 35 4.25 -35.35 3.28
N GLN B 36 4.84 -34.93 4.39
CA GLN B 36 6.13 -34.21 4.34
C GLN B 36 7.22 -35.00 3.63
N ALA B 37 7.32 -36.28 3.94
CA ALA B 37 8.23 -37.19 3.22
C ALA B 37 7.95 -37.15 1.72
N LYS B 38 6.68 -37.27 1.34
CA LYS B 38 6.31 -37.29 -0.09
C LYS B 38 6.63 -35.95 -0.76
N ILE B 39 6.29 -34.87 -0.08
CA ILE B 39 6.63 -33.52 -0.57
C ILE B 39 8.12 -33.38 -0.81
N LYS B 40 8.95 -33.77 0.15
CA LYS B 40 10.40 -33.65 0.01
C LYS B 40 10.96 -34.41 -1.20
N GLU B 41 10.47 -35.64 -1.41
CA GLU B 41 10.84 -36.40 -2.60
C GLU B 41 10.37 -35.74 -3.92
N ALA B 42 9.14 -35.26 -3.96
CA ALA B 42 8.62 -34.51 -5.11
C ALA B 42 9.49 -33.27 -5.42
N LEU B 43 9.88 -32.51 -4.39
CA LEU B 43 10.69 -31.29 -4.59
C LEU B 43 12.08 -31.55 -5.09
N LYS B 44 12.64 -32.71 -4.73
CA LYS B 44 13.95 -33.10 -5.21
C LYS B 44 13.89 -33.26 -6.73
N LYS B 45 12.83 -33.90 -7.22
CA LYS B 45 12.63 -34.04 -8.67
C LYS B 45 12.35 -32.68 -9.37
N LEU B 46 11.58 -31.80 -8.73
CA LEU B 46 11.32 -30.47 -9.32
C LEU B 46 12.58 -29.61 -9.40
N GLU B 47 13.52 -29.84 -8.47
CA GLU B 47 14.83 -29.18 -8.51
C GLU B 47 15.63 -29.66 -9.72
N GLN B 48 15.67 -30.98 -9.95
CA GLN B 48 16.32 -31.52 -11.15
C GLN B 48 15.69 -31.02 -12.44
N ASP B 49 14.36 -30.82 -12.43
CA ASP B 49 13.61 -30.42 -13.63
C ASP B 49 13.26 -28.90 -13.67
N LYS B 50 13.92 -28.07 -12.87
CA LYS B 50 13.53 -26.66 -12.74
C LYS B 50 13.67 -25.80 -14.03
N ASN B 51 14.50 -26.24 -14.98
CA ASN B 51 14.64 -25.58 -16.29
C ASN B 51 13.80 -26.24 -17.42
N LYS B 52 13.00 -27.23 -17.09
CA LYS B 52 12.14 -27.85 -18.07
C LYS B 52 10.88 -27.03 -18.22
N ASP B 53 10.30 -27.10 -19.40
CA ASP B 53 9.09 -26.33 -19.75
C ASP B 53 8.00 -26.53 -18.69
N GLY B 54 7.50 -25.42 -18.19
CA GLY B 54 6.38 -25.39 -17.26
C GLY B 54 6.76 -25.51 -15.80
N HIS B 55 8.04 -25.69 -15.48
CA HIS B 55 8.42 -25.89 -14.11
C HIS B 55 8.81 -24.55 -13.46
N LEU B 56 8.48 -24.41 -12.18
CA LEU B 56 9.01 -23.28 -11.40
C LEU B 56 10.55 -23.32 -11.42
N THR B 57 11.16 -22.17 -11.70
CA THR B 57 12.60 -22.03 -11.67
C THR B 57 13.15 -22.19 -10.25
N GLU B 58 12.32 -21.92 -9.24
CA GLU B 58 12.71 -22.02 -7.83
C GLU B 58 11.60 -22.78 -7.17
N PRO B 59 11.66 -24.11 -7.23
CA PRO B 59 10.52 -24.90 -6.80
C PRO B 59 10.29 -24.87 -5.30
N SER B 60 9.03 -24.94 -4.92
CA SER B 60 8.62 -25.07 -3.54
C SER B 60 7.24 -25.68 -3.54
N ALA B 61 6.77 -26.09 -2.38
CA ALA B 61 5.44 -26.68 -2.24
C ALA B 61 4.41 -25.56 -2.16
N GLN B 62 3.18 -25.84 -2.60
CA GLN B 62 2.08 -24.90 -2.40
C GLN B 62 1.42 -25.15 -1.03
N SER B 63 1.59 -24.21 -0.10
CA SER B 63 0.94 -24.22 1.19
C SER B 63 -0.50 -23.69 1.18
N LEU B 64 -0.85 -22.90 0.15
CA LEU B 64 -2.19 -22.31 0.03
C LEU B 64 -3.01 -23.06 -0.98
N VAL B 65 -3.95 -23.85 -0.50
CA VAL B 65 -4.88 -24.53 -1.37
C VAL B 65 -6.06 -23.59 -1.59
N TYR B 66 -6.17 -23.05 -2.80
CA TYR B 66 -7.08 -21.96 -3.07
C TYR B 66 -7.33 -21.97 -4.56
N ASP B 67 -8.03 -23.02 -5.02
CA ASP B 67 -8.26 -23.25 -6.45
C ASP B 67 -9.62 -22.70 -6.93
N SER B 68 -10.68 -22.92 -6.14
CA SER B 68 -12.07 -22.77 -6.56
C SER B 68 -12.98 -22.63 -5.35
N GLU B 69 -13.90 -21.66 -5.37
CA GLU B 69 -14.82 -21.42 -4.25
C GLU B 69 -16.19 -21.02 -4.76
N PRO B 70 -16.85 -21.92 -5.52
CA PRO B 70 -18.15 -21.60 -6.14
C PRO B 70 -19.26 -21.22 -5.15
N ASP B 71 -19.17 -21.65 -3.89
CA ASP B 71 -20.22 -21.37 -2.90
C ASP B 71 -19.90 -20.20 -1.99
N ALA B 72 -18.82 -19.47 -2.24
CA ALA B 72 -18.49 -18.33 -1.40
C ALA B 72 -19.60 -17.29 -1.42
N LYS B 73 -19.69 -16.52 -0.34
CA LYS B 73 -20.65 -15.44 -0.19
C LYS B 73 -19.86 -14.16 -0.17
N LEU B 74 -20.36 -13.15 -0.87
CA LEU B 74 -19.66 -11.89 -1.07
C LEU B 74 -20.42 -10.77 -0.45
N SER B 75 -19.74 -9.90 0.27
CA SER B 75 -20.29 -8.59 0.58
C SER B 75 -19.29 -7.52 0.08
N LEU B 76 -19.85 -6.39 -0.35
CA LEU B 76 -19.06 -5.25 -0.83
C LEU B 76 -19.43 -4.03 -0.05
N THR B 77 -18.43 -3.23 0.31
CA THR B 77 -18.68 -1.91 0.88
C THR B 77 -17.71 -0.92 0.26
N THR B 78 -18.17 0.33 0.10
CA THR B 78 -17.38 1.39 -0.48
C THR B 78 -17.87 2.72 0.12
N GLU B 79 -16.92 3.55 0.51
CA GLU B 79 -17.26 4.86 1.10
C GLU B 79 -17.74 5.83 0.03
N ASP B 80 -16.97 5.92 -1.05
CA ASP B 80 -17.22 6.87 -2.15
C ASP B 80 -17.83 6.27 -3.43
N GLY B 81 -17.73 4.96 -3.62
CA GLY B 81 -18.24 4.36 -4.86
C GLY B 81 -19.74 4.18 -4.91
N THR B 82 -20.20 3.61 -6.01
CA THR B 82 -21.61 3.30 -6.19
C THR B 82 -21.74 1.81 -6.41
N LEU B 83 -22.41 1.13 -5.49
CA LEU B 83 -22.87 -0.24 -5.77
C LEU B 83 -24.09 -0.13 -6.67
N LEU B 84 -24.17 -0.96 -7.71
CA LEU B 84 -25.19 -0.82 -8.73
C LEU B 84 -26.30 -1.86 -8.60
N LYS B 85 -27.53 -1.43 -8.89
CA LYS B 85 -28.69 -2.32 -9.02
C LYS B 85 -28.49 -3.35 -10.13
N SER B 86 -28.85 -4.59 -9.85
CA SER B 86 -28.75 -5.61 -10.90
C SER B 86 -29.65 -5.31 -12.12
N SER B 87 -30.77 -4.61 -11.93
CA SER B 87 -31.60 -4.22 -13.08
C SER B 87 -30.87 -3.23 -14.01
N VAL B 88 -30.02 -2.37 -13.44
CA VAL B 88 -29.21 -1.43 -14.20
C VAL B 88 -28.11 -2.17 -14.96
N VAL B 89 -27.44 -3.10 -14.30
CA VAL B 89 -26.42 -3.91 -14.96
C VAL B 89 -27.04 -4.67 -16.13
N ASP B 90 -28.23 -5.22 -15.92
CA ASP B 90 -28.92 -5.99 -16.97
C ASP B 90 -29.29 -5.15 -18.21
N GLU B 91 -29.83 -3.96 -17.96
CA GLU B 91 -30.18 -2.98 -18.99
C GLU B 91 -28.95 -2.60 -19.82
N ALA B 92 -27.85 -2.34 -19.13
CA ALA B 92 -26.58 -1.99 -19.76
C ALA B 92 -26.07 -3.10 -20.68
N PHE B 93 -26.20 -4.35 -20.23
CA PHE B 93 -25.78 -5.49 -21.03
C PHE B 93 -26.63 -5.67 -22.29
N SER B 94 -27.90 -5.27 -22.19
CA SER B 94 -28.85 -5.46 -23.29
C SER B 94 -28.69 -4.49 -24.45
N LYS B 95 -27.86 -3.45 -24.29
CA LYS B 95 -27.71 -2.41 -25.32
C LYS B 95 -26.24 -2.16 -25.71
N SER B 96 -26.04 -1.34 -26.74
CA SER B 96 -24.71 -0.96 -27.22
C SER B 96 -23.87 -2.19 -27.63
N THR B 97 -22.58 -2.21 -27.31
CA THR B 97 -21.67 -3.20 -27.83
C THR B 97 -21.86 -4.64 -27.31
N SER B 98 -22.52 -4.84 -26.17
CA SER B 98 -22.79 -6.20 -25.68
C SER B 98 -24.15 -6.80 -26.13
N LYS B 99 -24.94 -6.03 -26.87
CA LYS B 99 -26.29 -6.42 -27.26
C LYS B 99 -26.30 -7.67 -28.14
N ALA B 100 -25.42 -7.71 -29.13
CA ALA B 100 -25.35 -8.84 -30.06
C ALA B 100 -25.22 -10.16 -29.33
N LYS B 101 -24.34 -10.22 -28.35
CA LYS B 101 -24.16 -11.43 -27.54
C LYS B 101 -25.33 -11.67 -26.59
N TYR B 102 -25.79 -10.60 -25.92
CA TYR B 102 -26.98 -10.67 -25.06
C TYR B 102 -28.18 -11.37 -25.75
N ASP B 103 -28.42 -11.02 -27.01
CA ASP B 103 -29.50 -11.62 -27.81
C ASP B 103 -29.27 -13.08 -28.20
N GLN B 104 -28.05 -13.57 -28.02
CA GLN B 104 -27.74 -15.00 -28.10
C GLN B 104 -27.62 -15.62 -26.70
N LYS B 105 -28.18 -14.97 -25.69
CA LYS B 105 -28.14 -15.46 -24.31
C LYS B 105 -26.72 -15.66 -23.75
N ILE B 106 -25.82 -14.74 -24.13
CA ILE B 106 -24.46 -14.71 -23.64
C ILE B 106 -24.17 -13.34 -22.99
N LEU B 107 -23.64 -13.40 -21.78
CA LEU B 107 -23.18 -12.20 -21.09
C LEU B 107 -21.69 -12.05 -21.43
N GLN B 108 -21.39 -11.08 -22.31
CA GLN B 108 -20.04 -10.91 -22.82
C GLN B 108 -19.41 -9.71 -22.07
N LEU B 109 -18.69 -10.00 -20.98
CA LEU B 109 -18.23 -8.90 -20.05
C LEU B 109 -17.29 -7.90 -20.74
N ASP B 110 -16.44 -8.42 -21.61
CA ASP B 110 -15.49 -7.56 -22.36
C ASP B 110 -16.10 -6.74 -23.49
N ASP B 111 -17.40 -6.87 -23.71
CA ASP B 111 -18.13 -6.08 -24.66
C ASP B 111 -19.02 -5.05 -24.00
N LEU B 112 -19.07 -5.01 -22.67
CA LEU B 112 -20.01 -4.14 -22.00
C LEU B 112 -19.52 -2.68 -22.10
N ASP B 113 -20.36 -1.84 -22.70
CA ASP B 113 -20.18 -0.38 -22.77
C ASP B 113 -20.68 0.13 -21.40
N ILE B 114 -19.77 0.60 -20.56
CA ILE B 114 -20.13 0.88 -19.17
C ILE B 114 -20.88 2.19 -19.01
N ARG B 115 -20.92 3.00 -20.06
CA ARG B 115 -21.79 4.17 -20.04
C ARG B 115 -23.25 3.82 -19.70
N GLY B 116 -23.72 2.62 -20.07
CA GLY B 116 -25.04 2.19 -19.63
C GLY B 116 -25.27 2.01 -18.13
N LEU B 117 -24.17 1.95 -17.37
CA LEU B 117 -24.21 1.82 -15.91
C LEU B 117 -24.34 3.14 -15.19
N GLU B 118 -24.22 4.25 -15.92
CA GLU B 118 -24.00 5.56 -15.28
C GLU B 118 -25.27 6.39 -15.03
N LYS B 119 -26.45 5.76 -15.10
CA LYS B 119 -27.76 6.46 -15.03
C LYS B 119 -28.11 6.88 -13.61
N ALA B 120 -29.13 7.74 -13.51
CA ALA B 120 -29.36 8.52 -12.29
C ALA B 120 -29.70 7.65 -11.09
N ASP B 121 -30.73 6.82 -11.19
CA ASP B 121 -31.28 6.22 -9.97
C ASP B 121 -30.74 4.78 -9.77
N SER B 122 -29.43 4.63 -9.91
CA SER B 122 -28.83 3.31 -10.14
C SER B 122 -28.22 2.66 -8.88
N ALA B 123 -28.12 3.41 -7.78
CA ALA B 123 -27.44 2.93 -6.58
C ALA B 123 -28.28 1.98 -5.67
N THR B 124 -27.55 1.14 -4.92
CA THR B 124 -28.12 0.32 -3.86
C THR B 124 -27.12 0.28 -2.71
N SER B 125 -27.59 -0.10 -1.53
CA SER B 125 -26.75 -0.06 -0.32
C SER B 125 -26.02 -1.38 -0.02
N THR B 126 -26.50 -2.49 -0.58
CA THR B 126 -25.80 -3.76 -0.49
C THR B 126 -25.72 -4.36 -1.88
N VAL B 127 -24.78 -5.28 -2.07
CA VAL B 127 -24.62 -5.95 -3.36
C VAL B 127 -25.87 -6.59 -3.84
N GLU B 128 -26.12 -6.44 -5.14
CA GLU B 128 -27.08 -7.28 -5.84
C GLU B 128 -26.25 -8.06 -6.85
N LEU B 129 -26.43 -9.38 -6.87
CA LEU B 129 -25.70 -10.22 -7.82
C LEU B 129 -26.39 -10.25 -9.17
N TYR B 130 -25.59 -10.31 -10.22
CA TYR B 130 -26.07 -10.48 -11.56
C TYR B 130 -25.19 -11.48 -12.24
N GLY B 131 -25.75 -12.23 -13.17
CA GLY B 131 -24.95 -13.17 -13.96
C GLY B 131 -25.91 -14.21 -14.56
N ASN B 132 -25.38 -15.40 -14.84
CA ASN B 132 -26.21 -16.47 -15.46
C ASN B 132 -26.94 -17.22 -14.36
N ILE B 133 -27.82 -16.50 -13.67
CA ILE B 133 -28.57 -16.96 -12.49
C ILE B 133 -30.02 -16.52 -12.59
N GLY B 134 -30.91 -17.08 -11.76
CA GLY B 134 -32.32 -16.69 -11.72
C GLY B 134 -32.99 -16.99 -13.04
N ASN B 135 -33.56 -15.97 -13.68
CA ASN B 135 -34.14 -16.12 -15.03
C ASN B 135 -33.11 -16.26 -16.18
N LYS B 136 -31.81 -16.16 -15.86
CA LYS B 136 -30.74 -16.37 -16.86
C LYS B 136 -29.89 -17.59 -16.50
N SER B 137 -30.48 -18.51 -15.74
CA SER B 137 -29.81 -19.76 -15.40
C SER B 137 -29.43 -20.59 -16.64
N THR B 138 -30.14 -20.43 -17.76
CA THR B 138 -29.79 -21.16 -19.00
C THR B 138 -28.79 -20.42 -19.89
N TRP B 139 -28.40 -19.21 -19.49
CA TRP B 139 -27.44 -18.39 -20.24
C TRP B 139 -26.00 -18.80 -19.98
N THR B 140 -25.10 -18.28 -20.82
CA THR B 140 -23.68 -18.47 -20.63
C THR B 140 -23.00 -17.09 -20.45
N THR B 141 -21.76 -17.12 -19.98
CA THR B 141 -20.92 -15.90 -19.89
C THR B 141 -19.60 -16.23 -20.56
N ASN B 142 -18.87 -15.24 -21.07
CA ASN B 142 -17.56 -15.52 -21.66
C ASN B 142 -16.52 -15.95 -20.62
N VAL B 143 -16.75 -15.68 -19.33
CA VAL B 143 -15.79 -16.06 -18.30
C VAL B 143 -15.93 -17.51 -17.84
N GLY B 144 -17.15 -18.00 -17.75
CA GLY B 144 -17.39 -19.33 -17.20
C GLY B 144 -18.00 -20.35 -18.15
N ASN B 145 -18.30 -19.93 -19.39
CA ASN B 145 -19.14 -20.68 -20.33
C ASN B 145 -20.51 -21.09 -19.71
N ASN B 146 -20.79 -22.38 -19.56
CA ASN B 146 -22.05 -22.82 -18.94
C ASN B 146 -22.04 -22.74 -17.42
N THR B 147 -20.85 -22.68 -16.81
CA THR B 147 -20.76 -22.69 -15.35
C THR B 147 -21.52 -21.47 -14.77
N GLU B 148 -21.96 -21.62 -13.53
CA GLU B 148 -22.73 -20.57 -12.93
C GLU B 148 -21.72 -19.53 -12.43
N VAL B 149 -21.91 -18.30 -12.87
CA VAL B 149 -21.02 -17.19 -12.50
C VAL B 149 -21.88 -15.97 -12.21
N LYS B 150 -21.61 -15.31 -11.08
CA LYS B 150 -22.34 -14.11 -10.74
C LYS B 150 -21.41 -13.13 -10.06
N TRP B 151 -21.77 -11.87 -10.13
CA TRP B 151 -20.90 -10.80 -9.64
C TRP B 151 -21.69 -9.66 -9.10
N GLY B 152 -21.06 -8.94 -8.18
CA GLY B 152 -21.58 -7.66 -7.72
C GLY B 152 -20.91 -6.56 -8.52
N SER B 153 -21.57 -5.43 -8.72
CA SER B 153 -21.02 -4.44 -9.64
C SER B 153 -20.88 -3.16 -8.86
N VAL B 154 -19.78 -2.47 -9.12
CA VAL B 154 -19.48 -1.17 -8.46
C VAL B 154 -18.89 -0.23 -9.50
N LEU B 155 -19.14 1.09 -9.34
CA LEU B 155 -18.49 2.11 -10.14
C LEU B 155 -17.58 2.88 -9.22
N LEU B 156 -16.32 3.00 -9.65
CA LEU B 156 -15.26 3.65 -8.89
C LEU B 156 -14.52 4.57 -9.81
N LYS B 157 -14.19 5.76 -9.31
CA LYS B 157 -13.27 6.62 -9.98
C LYS B 157 -11.86 6.41 -9.46
N ARG B 158 -10.91 6.99 -10.17
CA ARG B 158 -9.50 6.96 -9.75
C ARG B 158 -9.38 7.27 -8.28
N GLY B 159 -8.61 6.44 -7.58
CA GLY B 159 -8.37 6.57 -6.15
C GLY B 159 -9.39 5.98 -5.20
N GLN B 160 -10.59 5.70 -5.71
CA GLN B 160 -11.67 5.13 -4.90
C GLN B 160 -11.52 3.63 -4.82
N SER B 161 -12.13 3.07 -3.80
CA SER B 161 -11.99 1.67 -3.54
C SER B 161 -13.27 1.03 -3.06
N VAL B 162 -13.28 -0.28 -3.18
CA VAL B 162 -14.34 -1.15 -2.69
C VAL B 162 -13.66 -2.31 -1.94
N THR B 163 -14.26 -2.69 -0.81
CA THR B 163 -13.76 -3.78 0.02
C THR B 163 -14.69 -4.96 -0.19
N ALA B 164 -14.11 -6.06 -0.61
CA ALA B 164 -14.88 -7.28 -0.84
C ALA B 164 -14.52 -8.31 0.26
N THR B 165 -15.54 -8.86 0.92
CA THR B 165 -15.32 -9.86 1.97
C THR B 165 -16.03 -11.16 1.52
N TYR B 166 -15.27 -12.25 1.56
CA TYR B 166 -15.73 -13.55 1.06
C TYR B 166 -15.71 -14.51 2.26
N THR B 167 -16.88 -15.07 2.55
CA THR B 167 -17.10 -15.98 3.67
C THR B 167 -17.77 -17.24 3.08
N ASN B 168 -18.16 -18.16 3.95
CA ASN B 168 -18.75 -19.47 3.52
C ASN B 168 -17.79 -20.22 2.58
N LEU B 169 -16.52 -20.19 2.94
CA LEU B 169 -15.48 -20.81 2.14
C LEU B 169 -15.50 -22.31 2.48
N GLN B 170 -15.45 -23.14 1.45
CA GLN B 170 -15.58 -24.59 1.63
C GLN B 170 -14.26 -25.37 1.50
N LYS B 171 -13.36 -24.94 0.63
CA LYS B 171 -12.19 -25.76 0.30
C LYS B 171 -10.86 -25.05 0.27
N THR B 172 -10.78 -23.89 0.94
CA THR B 172 -9.55 -23.13 1.04
C THR B 172 -8.84 -23.39 2.35
N TYR B 173 -7.56 -23.73 2.25
CA TYR B 173 -6.73 -24.04 3.40
C TYR B 173 -5.36 -23.44 3.25
N TYR B 174 -4.77 -23.10 4.37
CA TYR B 174 -3.39 -22.69 4.41
C TYR B 174 -2.70 -23.63 5.41
N ASN B 175 -1.59 -24.25 5.00
CA ASN B 175 -0.88 -25.22 5.87
C ASN B 175 -1.84 -26.25 6.48
N GLY B 176 -2.83 -26.68 5.69
CA GLY B 176 -3.82 -27.65 6.16
C GLY B 176 -4.86 -27.18 7.16
N LYS B 177 -4.91 -25.88 7.47
CA LYS B 177 -5.90 -25.29 8.39
C LYS B 177 -6.88 -24.44 7.59
N LYS B 178 -8.15 -24.49 7.96
CA LYS B 178 -9.21 -23.93 7.15
C LYS B 178 -9.19 -22.40 7.19
N VAL B 179 -9.28 -21.77 6.02
CA VAL B 179 -9.46 -20.31 5.89
C VAL B 179 -10.95 -19.99 6.03
N SER B 180 -11.25 -19.01 6.87
CA SER B 180 -12.64 -18.70 7.21
C SER B 180 -13.18 -17.51 6.43
N LYS B 181 -12.28 -16.61 6.04
CA LYS B 181 -12.64 -15.35 5.44
C LYS B 181 -11.46 -14.78 4.62
N ILE B 182 -11.75 -14.15 3.51
CA ILE B 182 -10.74 -13.47 2.69
C ILE B 182 -11.28 -12.10 2.45
N VAL B 183 -10.44 -11.08 2.62
CA VAL B 183 -10.85 -9.71 2.45
C VAL B 183 -9.95 -9.07 1.40
N TYR B 184 -10.55 -8.55 0.33
CA TYR B 184 -9.84 -7.77 -0.68
C TYR B 184 -10.23 -6.31 -0.61
N LYS B 185 -9.25 -5.43 -0.70
CA LYS B 185 -9.51 -4.07 -1.10
C LYS B 185 -9.03 -3.88 -2.53
N TYR B 186 -9.95 -3.43 -3.36
CA TYR B 186 -9.66 -3.07 -4.74
C TYR B 186 -9.73 -1.56 -4.96
N THR B 187 -8.67 -0.94 -5.49
CA THR B 187 -8.61 0.54 -5.70
C THR B 187 -8.20 0.86 -7.14
N VAL B 188 -8.94 1.74 -7.83
CA VAL B 188 -8.60 2.14 -9.19
C VAL B 188 -7.34 2.98 -9.11
N ASP B 189 -6.25 2.49 -9.69
CA ASP B 189 -4.95 3.21 -9.67
C ASP B 189 -5.10 4.58 -10.34
N LYS B 190 -4.66 5.65 -9.65
CA LYS B 190 -4.83 6.99 -10.18
C LYS B 190 -4.10 7.23 -11.50
N ASP B 191 -2.99 6.55 -11.73
CA ASP B 191 -2.27 6.73 -12.98
C ASP B 191 -2.81 5.91 -14.16
N SER B 192 -3.96 5.24 -14.01
CA SER B 192 -4.67 4.72 -15.17
C SER B 192 -4.98 5.83 -16.22
N LYS B 193 -4.80 5.51 -17.50
CA LYS B 193 -4.93 6.50 -18.59
C LYS B 193 -6.26 6.39 -19.37
N PHE B 194 -7.21 5.56 -18.88
CA PHE B 194 -8.48 5.40 -19.63
C PHE B 194 -9.23 6.71 -19.87
N GLN B 195 -9.95 6.78 -20.99
CA GLN B 195 -10.55 8.05 -21.44
C GLN B 195 -11.99 8.32 -20.99
N ASN B 196 -12.72 7.31 -20.49
CA ASN B 196 -14.15 7.45 -20.10
C ASN B 196 -14.41 8.84 -19.46
N PRO B 197 -15.23 9.69 -20.12
CA PRO B 197 -15.35 11.10 -19.65
C PRO B 197 -15.79 11.30 -18.20
N SER B 198 -16.68 10.44 -17.72
CA SER B 198 -17.13 10.48 -16.33
C SER B 198 -16.03 10.06 -15.33
N GLY B 199 -14.92 9.48 -15.82
CA GLY B 199 -13.85 8.99 -14.95
C GLY B 199 -14.16 7.66 -14.23
N ASN B 200 -15.28 7.04 -14.54
CA ASN B 200 -15.67 5.82 -13.85
C ASN B 200 -15.07 4.57 -14.46
N VAL B 201 -14.80 3.63 -13.59
CA VAL B 201 -14.56 2.19 -13.95
C VAL B 201 -15.63 1.38 -13.31
N TRP B 202 -16.04 0.30 -14.00
CA TRP B 202 -16.89 -0.73 -13.48
C TRP B 202 -15.98 -1.86 -13.01
N LEU B 203 -16.21 -2.30 -11.76
CA LEU B 203 -15.65 -3.57 -11.28
C LEU B 203 -16.76 -4.54 -11.11
N GLY B 204 -16.64 -5.67 -11.81
CA GLY B 204 -17.52 -6.77 -11.59
C GLY B 204 -16.73 -7.72 -10.70
N VAL B 205 -17.17 -7.86 -9.44
CA VAL B 205 -16.44 -8.63 -8.45
C VAL B 205 -17.19 -9.97 -8.35
N PHE B 206 -16.53 -11.04 -8.77
CA PHE B 206 -17.18 -12.32 -8.78
C PHE B 206 -17.47 -12.84 -7.35
N SER B 207 -18.57 -13.61 -7.20
CA SER B 207 -18.92 -14.15 -5.88
C SER B 207 -17.85 -15.16 -5.44
N ASP B 208 -17.30 -15.87 -6.43
CA ASP B 208 -16.20 -16.83 -6.21
C ASP B 208 -14.89 -16.04 -6.29
N PRO B 209 -14.16 -15.88 -5.19
CA PRO B 209 -12.98 -14.97 -5.16
C PRO B 209 -11.84 -15.49 -6.02
N THR B 210 -11.84 -16.79 -6.39
CA THR B 210 -10.82 -17.32 -7.26
C THR B 210 -11.02 -16.90 -8.75
N LEU B 211 -12.20 -16.43 -9.10
CA LEU B 211 -12.47 -15.95 -10.43
C LEU B 211 -12.02 -14.50 -10.55
N GLY B 212 -11.84 -13.83 -9.43
CA GLY B 212 -11.26 -12.48 -9.41
C GLY B 212 -12.21 -11.31 -9.71
N VAL B 213 -11.77 -10.45 -10.63
CA VAL B 213 -12.42 -9.22 -10.96
C VAL B 213 -12.39 -8.98 -12.44
N PHE B 214 -13.49 -8.42 -12.95
CA PHE B 214 -13.53 -7.86 -14.28
C PHE B 214 -13.58 -6.37 -14.12
N ALA B 215 -12.53 -5.72 -14.56
CA ALA B 215 -12.43 -4.24 -14.48
C ALA B 215 -12.49 -3.66 -15.88
N SER B 216 -13.36 -2.67 -16.11
CA SER B 216 -13.53 -2.07 -17.43
C SER B 216 -13.87 -0.60 -17.40
N ALA B 217 -13.25 0.14 -18.31
CA ALA B 217 -13.65 1.53 -18.64
C ALA B 217 -14.10 1.60 -20.10
N TYR B 218 -14.47 0.46 -20.67
CA TYR B 218 -14.81 0.45 -22.05
C TYR B 218 -16.13 1.19 -22.32
N THR B 219 -16.11 2.05 -23.34
CA THR B 219 -17.25 2.90 -23.68
C THR B 219 -17.84 2.55 -25.04
N GLY B 220 -17.47 1.38 -25.59
CA GLY B 220 -17.89 0.98 -26.92
C GLY B 220 -16.96 1.35 -28.08
N GLN B 221 -15.85 2.06 -27.81
CA GLN B 221 -14.80 2.33 -28.82
C GLN B 221 -13.43 2.01 -28.23
N VAL B 222 -12.48 1.60 -29.06
CA VAL B 222 -11.12 1.31 -28.58
C VAL B 222 -10.42 2.63 -28.28
N GLU B 223 -9.35 2.58 -27.52
CA GLU B 223 -8.59 3.78 -27.12
C GLU B 223 -7.09 3.56 -27.32
N LYS B 224 -6.43 4.55 -27.91
CA LYS B 224 -4.98 4.55 -28.03
C LYS B 224 -4.39 5.12 -26.75
N ASP B 225 -3.16 4.73 -26.45
CA ASP B 225 -2.43 5.20 -25.27
C ASP B 225 -3.31 5.20 -24.01
N THR B 226 -3.93 4.03 -23.75
CA THR B 226 -4.84 3.85 -22.66
C THR B 226 -4.28 2.85 -21.64
N SER B 227 -4.82 2.89 -20.43
CA SER B 227 -4.56 1.87 -19.43
C SER B 227 -5.64 1.81 -18.38
N ILE B 228 -5.68 0.67 -17.70
CA ILE B 228 -6.54 0.51 -16.54
C ILE B 228 -5.80 -0.37 -15.56
N PHE B 229 -5.56 0.16 -14.35
CA PHE B 229 -4.87 -0.58 -13.28
C PHE B 229 -5.67 -0.60 -11.99
N ILE B 230 -5.78 -1.78 -11.38
CA ILE B 230 -6.48 -1.95 -10.13
C ILE B 230 -5.49 -2.51 -9.13
N LYS B 231 -5.33 -1.82 -8.02
CA LYS B 231 -4.52 -2.26 -6.90
C LYS B 231 -5.36 -3.22 -6.09
N ASN B 232 -4.76 -4.32 -5.64
CA ASN B 232 -5.43 -5.36 -4.89
C ASN B 232 -4.69 -5.55 -3.60
N GLU B 233 -5.35 -5.34 -2.46
CA GLU B 233 -4.76 -5.61 -1.17
C GLU B 233 -5.57 -6.65 -0.50
N PHE B 234 -4.90 -7.62 0.09
CA PHE B 234 -5.66 -8.73 0.62
C PHE B 234 -5.10 -9.33 1.88
N THR B 235 -6.00 -9.91 2.69
CA THR B 235 -5.68 -10.65 3.92
C THR B 235 -6.57 -11.90 3.98
N PHE B 236 -5.99 -13.01 4.39
CA PHE B 236 -6.74 -14.28 4.58
C PHE B 236 -6.89 -14.47 6.09
N TYR B 237 -8.02 -15.02 6.56
CA TYR B 237 -8.23 -15.22 8.00
C TYR B 237 -8.39 -16.71 8.34
N ASP B 238 -7.90 -17.08 9.53
CA ASP B 238 -7.89 -18.48 10.00
C ASP B 238 -9.16 -18.82 10.79
N GLU B 239 -9.23 -20.07 11.31
CA GLU B 239 -10.38 -20.55 12.12
C GLU B 239 -10.72 -19.76 13.39
N ASN B 240 -9.74 -19.01 13.93
CA ASN B 240 -9.97 -18.09 15.05
C ASN B 240 -10.15 -16.64 14.62
N ASP B 241 -10.45 -16.43 13.34
CA ASP B 241 -10.77 -15.11 12.78
C ASP B 241 -9.61 -14.09 12.93
N GLN B 242 -8.37 -14.61 12.91
CA GLN B 242 -7.13 -13.83 12.96
C GLN B 242 -6.44 -13.82 11.59
N PRO B 243 -5.71 -12.73 11.25
CA PRO B 243 -4.97 -12.68 9.96
C PRO B 243 -3.94 -13.80 9.80
N ILE B 244 -3.85 -14.37 8.60
CA ILE B 244 -2.89 -15.43 8.34
C ILE B 244 -1.57 -14.80 7.94
N ASN B 245 -0.52 -15.13 8.71
CA ASN B 245 0.84 -14.70 8.38
C ASN B 245 1.42 -15.77 7.44
N PHE B 246 1.31 -15.52 6.15
CA PHE B 246 1.80 -16.46 5.14
C PHE B 246 3.34 -16.66 5.21
N ASP B 247 3.78 -17.88 4.93
CA ASP B 247 5.21 -18.22 4.76
C ASP B 247 5.44 -18.81 3.38
N ASN B 248 5.80 -17.95 2.44
CA ASN B 248 5.98 -18.31 1.02
C ASN B 248 4.85 -19.13 0.40
N ALA B 249 3.62 -18.68 0.62
CA ALA B 249 2.49 -19.13 -0.16
C ALA B 249 2.66 -18.72 -1.61
N LEU B 250 2.19 -19.55 -2.54
CA LEU B 250 2.29 -19.27 -3.97
C LEU B 250 1.02 -18.65 -4.51
N LEU B 251 1.12 -17.41 -4.96
CA LEU B 251 0.04 -16.71 -5.60
C LEU B 251 0.23 -16.81 -7.11
N SER B 252 -0.82 -17.20 -7.82
CA SER B 252 -0.74 -17.38 -9.26
C SER B 252 -1.21 -16.12 -9.93
N VAL B 253 -0.43 -15.65 -10.91
CA VAL B 253 -0.80 -14.53 -11.76
C VAL B 253 -0.79 -15.03 -13.18
N ALA B 254 -1.98 -15.31 -13.69
CA ALA B 254 -2.17 -16.00 -14.96
C ALA B 254 -2.75 -15.06 -16.01
N SER B 255 -2.81 -15.55 -17.24
CA SER B 255 -3.44 -14.84 -18.34
C SER B 255 -2.83 -13.42 -18.47
N LEU B 256 -1.51 -13.33 -18.46
CA LEU B 256 -0.80 -12.04 -18.73
C LEU B 256 -0.60 -11.92 -20.24
N ASN B 257 -1.69 -11.56 -20.89
CA ASN B 257 -1.78 -11.51 -22.34
C ASN B 257 -1.02 -10.35 -22.87
N ARG B 258 -0.23 -10.59 -23.92
CA ARG B 258 0.40 -9.49 -24.68
C ARG B 258 0.11 -9.67 -26.18
N GLU B 259 -0.69 -8.76 -26.72
CA GLU B 259 -0.85 -8.61 -28.16
C GLU B 259 0.10 -7.50 -28.69
N ASN B 260 0.14 -7.36 -30.02
CA ASN B 260 0.94 -6.30 -30.63
C ASN B 260 0.61 -4.88 -30.13
N ASN B 261 -0.60 -4.66 -29.62
CA ASN B 261 -1.05 -3.34 -29.18
C ASN B 261 -1.37 -3.24 -27.69
N SER B 262 -1.13 -4.30 -26.90
CA SER B 262 -1.71 -4.41 -25.57
C SER B 262 -0.86 -5.33 -24.71
N ILE B 263 -0.62 -4.91 -23.47
CA ILE B 263 0.15 -5.66 -22.49
C ILE B 263 -0.68 -5.75 -21.22
N GLU B 264 -0.94 -6.98 -20.76
CA GLU B 264 -1.46 -7.17 -19.41
C GLU B 264 -0.28 -7.43 -18.49
N MET B 265 -0.25 -6.74 -17.33
CA MET B 265 0.87 -6.81 -16.41
C MET B 265 0.47 -6.73 -14.92
N ALA B 266 1.34 -7.25 -14.07
CA ALA B 266 1.25 -7.11 -12.64
C ALA B 266 2.41 -6.22 -12.22
N LYS B 267 2.18 -5.38 -11.24
CA LYS B 267 3.23 -4.47 -10.77
C LYS B 267 2.98 -4.08 -9.32
N ASP B 268 3.93 -3.35 -8.72
CA ASP B 268 3.80 -2.86 -7.35
C ASP B 268 3.40 -3.95 -6.34
N TYR B 269 4.16 -5.04 -6.31
CA TYR B 269 3.77 -6.24 -5.60
C TYR B 269 4.67 -6.49 -4.41
N THR B 270 4.07 -7.00 -3.33
CA THR B 270 4.76 -7.55 -2.20
C THR B 270 5.19 -8.98 -2.54
N GLY B 271 6.26 -9.45 -1.93
CA GLY B 271 6.74 -10.81 -2.16
C GLY B 271 7.71 -10.92 -3.32
N LYS B 272 8.03 -12.16 -3.70
CA LYS B 272 9.10 -12.43 -4.65
C LYS B 272 8.57 -13.14 -5.88
N PHE B 273 8.90 -12.62 -7.07
CA PHE B 273 8.50 -13.26 -8.33
C PHE B 273 9.29 -14.53 -8.57
N VAL B 274 8.60 -15.60 -8.98
CA VAL B 274 9.21 -16.87 -9.36
C VAL B 274 8.83 -17.20 -10.80
N ARG B 275 9.82 -17.20 -11.70
CA ARG B 275 9.59 -17.38 -13.11
C ARG B 275 9.26 -18.86 -13.35
N ILE B 276 8.44 -19.10 -14.34
CA ILE B 276 8.20 -20.47 -14.82
C ILE B 276 9.01 -20.71 -16.08
N SER B 277 9.77 -21.81 -16.14
CA SER B 277 10.60 -22.08 -17.31
C SER B 277 9.77 -22.26 -18.55
N GLY B 278 10.21 -21.61 -19.63
CA GLY B 278 9.52 -21.65 -20.89
C GLY B 278 8.35 -20.68 -21.03
N SER B 279 8.01 -19.98 -19.96
CA SER B 279 6.90 -19.05 -19.96
C SER B 279 7.31 -17.81 -20.78
N SER B 280 6.32 -17.18 -21.39
CA SER B 280 6.52 -15.84 -21.98
C SER B 280 6.73 -14.76 -20.90
N ILE B 281 6.41 -15.06 -19.64
CA ILE B 281 6.31 -14.09 -18.56
C ILE B 281 7.57 -14.03 -17.70
N ASP B 282 8.00 -12.79 -17.41
CA ASP B 282 9.16 -12.59 -16.58
C ASP B 282 8.99 -11.24 -15.90
N GLU B 283 9.93 -10.91 -15.02
CA GLU B 283 9.94 -9.64 -14.27
C GLU B 283 10.95 -8.69 -14.88
N LYS B 284 10.58 -7.43 -15.02
CA LYS B 284 11.49 -6.42 -15.50
C LYS B 284 11.06 -5.08 -14.89
N ASP B 285 11.99 -4.38 -14.24
CA ASP B 285 11.73 -3.05 -13.60
C ASP B 285 10.54 -3.08 -12.63
N GLY B 286 10.44 -4.15 -11.83
CA GLY B 286 9.31 -4.36 -10.93
C GLY B 286 7.95 -4.73 -11.56
N LYS B 287 7.93 -5.04 -12.86
CA LYS B 287 6.69 -5.37 -13.56
C LYS B 287 6.76 -6.78 -14.11
N ILE B 288 5.66 -7.52 -14.03
CA ILE B 288 5.62 -8.92 -14.48
C ILE B 288 4.70 -8.96 -15.72
N TYR B 289 5.28 -9.30 -16.85
CA TYR B 289 4.57 -9.37 -18.12
C TYR B 289 5.37 -10.17 -19.13
N ALA B 290 4.87 -10.21 -20.34
CA ALA B 290 5.55 -10.91 -21.42
C ALA B 290 6.63 -9.97 -21.93
N THR B 291 7.84 -10.11 -21.42
CA THR B 291 8.90 -9.07 -21.60
C THR B 291 9.63 -9.08 -22.93
N LYS B 292 9.59 -10.21 -23.65
CA LYS B 292 10.39 -10.41 -24.86
C LYS B 292 9.64 -10.81 -26.12
N THR B 293 8.50 -11.48 -25.95
CA THR B 293 7.67 -11.88 -27.06
C THR B 293 6.21 -11.47 -26.79
N LEU B 294 5.46 -11.44 -27.89
CA LEU B 294 4.01 -11.50 -27.81
C LEU B 294 3.66 -12.95 -27.42
N ASN B 295 2.41 -13.17 -27.02
CA ASN B 295 1.90 -14.52 -26.68
C ASN B 295 0.48 -14.77 -27.21
N PHE B 296 0.11 -14.07 -28.28
CA PHE B 296 -1.24 -14.06 -28.81
C PHE B 296 -1.47 -15.14 -29.88
N LYS B 297 -0.60 -15.14 -30.90
CA LYS B 297 -0.73 -16.04 -32.05
C LYS B 297 0.61 -16.66 -32.37
N LYS B 298 0.65 -17.98 -32.53
CA LYS B 298 1.85 -18.71 -32.89
C LYS B 298 2.55 -18.07 -34.10
N GLY B 299 3.84 -17.80 -33.93
CA GLY B 299 4.66 -17.24 -35.00
C GLY B 299 4.58 -15.76 -35.20
N GLN B 300 3.74 -15.07 -34.41
CA GLN B 300 3.61 -13.62 -34.46
C GLN B 300 4.35 -13.03 -33.26
N GLY B 301 5.33 -12.15 -33.53
CA GLY B 301 6.14 -11.53 -32.49
C GLY B 301 6.82 -12.51 -31.56
N GLY B 302 7.20 -13.66 -32.09
CA GLY B 302 7.87 -14.70 -31.34
C GLY B 302 7.01 -15.56 -30.43
N SER B 303 5.68 -15.50 -30.52
CA SER B 303 4.87 -16.32 -29.63
C SER B 303 5.00 -17.76 -30.05
N ARG B 304 5.13 -18.65 -29.07
CA ARG B 304 5.22 -20.06 -29.32
C ARG B 304 3.89 -20.68 -29.65
N TRP B 305 2.82 -20.14 -29.06
CA TRP B 305 1.50 -20.74 -29.16
C TRP B 305 0.40 -19.70 -29.28
N THR B 306 -0.73 -20.16 -29.79
CA THR B 306 -1.94 -19.32 -29.92
C THR B 306 -2.79 -19.36 -28.63
N MET B 307 -3.14 -18.17 -28.13
CA MET B 307 -3.82 -18.06 -26.84
C MET B 307 -5.28 -18.57 -26.85
N TYR B 308 -5.93 -18.46 -27.99
CA TYR B 308 -7.31 -19.01 -28.22
C TYR B 308 -7.22 -20.37 -28.92
N PRO B 309 -8.23 -21.25 -28.75
CA PRO B 309 -8.16 -22.53 -29.48
C PRO B 309 -8.38 -22.30 -30.97
N ASN B 310 -7.48 -22.84 -31.80
CA ASN B 310 -7.62 -22.77 -33.26
C ASN B 310 -7.36 -24.09 -34.00
N GLY B 311 -7.14 -25.17 -33.27
CA GLY B 311 -6.74 -26.45 -33.87
C GLY B 311 -5.25 -26.79 -33.87
N GLN B 312 -4.36 -25.81 -33.71
CA GLN B 312 -2.92 -26.13 -33.66
C GLN B 312 -2.57 -26.79 -32.33
N GLU B 313 -1.48 -27.57 -32.32
CA GLU B 313 -0.91 -28.10 -31.08
C GLU B 313 -0.53 -26.93 -30.15
N GLY B 314 -0.99 -27.02 -28.89
CA GLY B 314 -0.71 -26.01 -27.85
C GLY B 314 -1.57 -24.74 -27.87
N SER B 315 -2.50 -24.65 -28.83
CA SER B 315 -3.34 -23.49 -28.93
C SER B 315 -4.39 -23.54 -27.83
N GLY B 316 -4.94 -22.38 -27.52
CA GLY B 316 -5.84 -22.23 -26.38
C GLY B 316 -5.10 -22.23 -25.06
N TRP B 317 -3.83 -21.79 -25.05
CA TRP B 317 -3.11 -21.81 -23.81
C TRP B 317 -3.85 -21.02 -22.71
N ASP B 318 -4.60 -19.97 -23.07
CA ASP B 318 -5.18 -19.09 -22.05
C ASP B 318 -6.55 -19.57 -21.55
N SER B 319 -6.51 -20.54 -20.65
CA SER B 319 -7.71 -21.03 -19.98
C SER B 319 -7.31 -21.76 -18.72
N SER B 320 -8.26 -21.84 -17.79
CA SER B 320 -8.02 -22.41 -16.47
C SER B 320 -7.50 -23.83 -16.55
N ASP B 321 -7.99 -24.60 -17.53
CA ASP B 321 -7.68 -26.03 -17.66
C ASP B 321 -6.59 -26.41 -18.69
N ALA B 322 -6.14 -25.50 -19.55
CA ALA B 322 -5.14 -25.86 -20.56
C ALA B 322 -3.81 -26.33 -19.90
N PRO B 323 -3.24 -27.43 -20.40
CA PRO B 323 -1.99 -27.94 -19.80
C PRO B 323 -0.80 -26.96 -19.87
N ASN B 324 -0.80 -26.08 -20.87
CA ASN B 324 0.28 -25.14 -21.08
C ASN B 324 -0.12 -23.67 -20.72
N SER B 325 -1.08 -23.50 -19.80
CA SER B 325 -1.50 -22.13 -19.40
C SER B 325 -0.38 -21.38 -18.71
N TRP B 326 0.60 -22.12 -18.17
CA TRP B 326 1.86 -21.53 -17.72
C TRP B 326 2.52 -20.64 -18.75
N TYR B 327 2.20 -20.78 -20.03
CA TYR B 327 2.86 -19.95 -21.03
C TYR B 327 2.61 -18.44 -20.79
N GLY B 328 1.43 -18.10 -20.26
CA GLY B 328 1.13 -16.71 -19.87
C GLY B 328 1.02 -16.46 -18.40
N ALA B 329 1.70 -17.25 -17.57
CA ALA B 329 1.61 -17.12 -16.14
C ALA B 329 2.93 -16.99 -15.47
N GLY B 330 2.88 -16.49 -14.26
CA GLY B 330 3.99 -16.64 -13.32
C GLY B 330 3.41 -16.86 -11.92
N ALA B 331 4.30 -16.84 -10.96
CA ALA B 331 3.98 -16.99 -9.55
C ALA B 331 4.69 -15.90 -8.76
N VAL B 332 4.06 -15.54 -7.64
CA VAL B 332 4.66 -14.67 -6.64
C VAL B 332 4.59 -15.39 -5.28
N LYS B 333 5.75 -15.62 -4.68
CA LYS B 333 5.88 -16.15 -3.32
C LYS B 333 5.56 -15.04 -2.32
N ILE B 334 4.50 -15.20 -1.54
CA ILE B 334 4.09 -14.14 -0.60
C ILE B 334 4.27 -14.56 0.86
N SER B 335 4.59 -13.57 1.68
CA SER B 335 4.70 -13.72 3.12
C SER B 335 4.03 -12.55 3.85
N GLY B 336 3.72 -12.74 5.13
CA GLY B 336 3.13 -11.66 5.94
C GLY B 336 1.62 -11.74 5.91
N GLN B 337 0.99 -10.90 6.71
CA GLN B 337 -0.45 -10.96 6.87
C GLN B 337 -1.22 -10.04 5.92
N HIS B 338 -0.49 -9.11 5.30
CA HIS B 338 -1.08 -8.12 4.38
C HIS B 338 -0.22 -8.06 3.11
N ASN B 339 -0.83 -8.34 1.95
CA ASN B 339 -0.11 -8.34 0.68
C ASN B 339 -0.82 -7.46 -0.33
N SER B 340 -0.12 -7.16 -1.40
CA SER B 340 -0.62 -6.26 -2.39
C SER B 340 -0.05 -6.60 -3.77
N ILE B 341 -0.87 -6.40 -4.80
CA ILE B 341 -0.38 -6.44 -6.15
C ILE B 341 -1.32 -5.61 -7.01
N THR B 342 -0.79 -4.95 -8.03
CA THR B 342 -1.59 -4.19 -8.97
C THR B 342 -1.64 -4.93 -10.30
N LEU B 343 -2.84 -5.13 -10.84
CA LEU B 343 -3.00 -5.78 -12.13
C LEU B 343 -3.59 -4.83 -13.13
N GLY B 344 -3.23 -4.97 -14.38
CA GLY B 344 -3.90 -4.17 -15.38
C GLY B 344 -3.47 -4.38 -16.80
N ALA B 345 -4.01 -3.54 -17.66
CA ALA B 345 -3.83 -3.62 -19.09
C ALA B 345 -3.41 -2.24 -19.61
N ILE B 346 -2.45 -2.23 -20.53
CA ILE B 346 -1.85 -0.98 -21.01
C ILE B 346 -1.46 -1.09 -22.48
N SER B 347 -1.71 -0.01 -23.21
CA SER B 347 -1.32 0.07 -24.61
C SER B 347 0.18 -0.17 -24.68
N ALA B 348 0.58 -0.99 -25.62
CA ALA B 348 1.99 -1.42 -25.76
C ALA B 348 2.96 -0.24 -25.90
N THR B 349 2.57 0.74 -26.69
CA THR B 349 3.41 1.95 -26.95
C THR B 349 3.61 2.84 -25.75
N LEU B 350 2.88 2.61 -24.66
CA LEU B 350 3.20 3.24 -23.38
C LEU B 350 4.35 2.55 -22.62
N VAL B 351 4.61 1.27 -22.94
CA VAL B 351 5.58 0.47 -22.23
C VAL B 351 6.91 0.26 -22.95
N VAL B 352 6.87 0.10 -24.26
CA VAL B 352 8.04 -0.19 -25.07
C VAL B 352 8.06 0.76 -26.25
N PRO B 353 9.22 0.88 -26.92
CA PRO B 353 9.27 1.74 -28.10
C PRO B 353 8.39 1.22 -29.22
N SER B 354 7.83 2.13 -30.01
CA SER B 354 6.97 1.73 -31.11
C SER B 354 7.71 0.80 -32.07
N ASP B 355 7.00 -0.21 -32.56
CA ASP B 355 7.58 -1.22 -33.44
C ASP B 355 6.45 -1.90 -34.24
N SER B 356 6.59 -1.92 -35.55
CA SER B 356 5.59 -2.50 -36.46
C SER B 356 5.16 -3.93 -36.13
N VAL B 357 5.99 -4.72 -35.47
CA VAL B 357 5.58 -6.06 -35.00
C VAL B 357 5.21 -6.11 -33.50
N MET B 358 6.01 -5.47 -32.64
CA MET B 358 5.96 -5.66 -31.19
C MET B 358 5.14 -4.65 -30.42
N ALA B 359 4.83 -3.49 -31.02
CA ALA B 359 4.17 -2.41 -30.31
C ALA B 359 3.59 -1.42 -31.30
N VAL B 360 2.39 -1.73 -31.77
CA VAL B 360 1.66 -0.92 -32.74
C VAL B 360 0.72 0.04 -32.06
N GLU B 361 0.37 1.13 -32.76
CA GLU B 361 -0.37 2.24 -32.13
C GLU B 361 -1.89 1.98 -31.97
N THR B 362 -2.43 0.97 -32.66
CA THR B 362 -3.84 0.63 -32.62
C THR B 362 -4.49 0.65 -31.22
N GLY B 363 -5.71 1.14 -31.15
CA GLY B 363 -6.43 1.24 -29.88
C GLY B 363 -6.79 -0.11 -29.30
N LYS B 364 -6.98 -0.12 -28.01
CA LYS B 364 -7.39 -1.35 -27.32
C LYS B 364 -8.51 -1.03 -26.36
N LYS B 365 -9.29 -2.02 -26.03
CA LYS B 365 -10.30 -1.83 -24.99
C LYS B 365 -9.61 -1.69 -23.63
N PRO B 366 -9.97 -0.67 -22.84
CA PRO B 366 -9.44 -0.55 -21.50
C PRO B 366 -10.24 -1.42 -20.51
N ASN B 367 -10.13 -2.74 -20.69
CA ASN B 367 -10.67 -3.67 -19.71
C ASN B 367 -9.70 -4.85 -19.45
N ILE B 368 -9.96 -5.56 -18.36
CA ILE B 368 -9.16 -6.73 -17.96
C ILE B 368 -9.93 -7.62 -17.00
N TRP B 369 -9.92 -8.92 -17.31
CA TRP B 369 -10.28 -9.95 -16.37
C TRP B 369 -9.04 -10.54 -15.76
N TYR B 370 -8.86 -10.37 -14.46
CA TYR B 370 -7.74 -11.02 -13.76
C TYR B 370 -8.19 -11.74 -12.50
N SER B 371 -7.32 -12.63 -12.06
CA SER B 371 -7.58 -13.42 -10.90
C SER B 371 -6.27 -13.62 -10.17
N LEU B 372 -6.39 -13.79 -8.86
CA LEU B 372 -5.26 -14.04 -7.96
C LEU B 372 -5.74 -15.24 -7.17
N ASN B 373 -5.16 -16.40 -7.37
CA ASN B 373 -5.58 -17.55 -6.58
C ASN B 373 -4.35 -18.43 -6.38
N GLY B 374 -4.53 -19.60 -5.78
CA GLY B 374 -3.43 -20.51 -5.58
C GLY B 374 -3.36 -21.61 -6.62
N LYS B 375 -4.09 -21.50 -7.72
CA LYS B 375 -3.98 -22.48 -8.83
C LYS B 375 -2.74 -22.19 -9.70
N ILE B 376 -1.56 -22.54 -9.16
CA ILE B 376 -0.28 -22.27 -9.82
C ILE B 376 -0.26 -23.07 -11.11
N ARG B 377 0.13 -22.43 -12.20
CA ARG B 377 0.05 -23.02 -13.50
C ARG B 377 1.27 -23.82 -13.88
N ALA B 378 2.32 -23.75 -13.07
CA ALA B 378 3.47 -24.60 -13.23
C ALA B 378 3.09 -26.05 -13.02
N VAL B 379 3.94 -26.93 -13.52
CA VAL B 379 3.70 -28.37 -13.54
C VAL B 379 4.14 -28.97 -12.21
N ASN B 380 3.29 -29.84 -11.67
CA ASN B 380 3.64 -30.75 -10.58
C ASN B 380 4.07 -30.10 -9.27
N VAL B 381 3.41 -29.02 -8.91
CA VAL B 381 3.75 -28.34 -7.68
C VAL B 381 2.99 -29.10 -6.60
N PRO B 382 3.72 -29.72 -5.64
CA PRO B 382 3.02 -30.45 -4.56
C PRO B 382 2.30 -29.51 -3.58
N LYS B 383 1.17 -29.98 -3.07
CA LYS B 383 0.37 -29.23 -2.12
C LYS B 383 0.52 -29.77 -0.69
N ILE B 384 0.55 -28.83 0.26
CA ILE B 384 0.46 -29.17 1.66
C ILE B 384 -1.01 -29.22 1.99
N THR B 385 -1.48 -30.39 2.39
CA THR B 385 -2.86 -30.63 2.83
C THR B 385 -2.99 -31.10 4.28
N LYS B 386 -1.94 -31.64 4.88
CA LYS B 386 -1.99 -32.05 6.28
C LYS B 386 -1.33 -31.02 7.19
N GLU B 387 -2.06 -30.59 8.23
CA GLU B 387 -1.51 -29.63 9.20
C GLU B 387 -0.50 -30.30 10.11
N ASN B 388 0.45 -29.54 10.62
CA ASN B 388 1.33 -30.01 11.67
C ASN B 388 0.53 -29.98 13.00
N PRO B 389 0.14 -31.15 13.54
CA PRO B 389 -0.73 -31.12 14.70
C PRO B 389 0.01 -30.60 15.91
N THR B 390 -0.68 -29.81 16.74
CA THR B 390 -0.09 -29.33 17.99
C THR B 390 -0.32 -30.41 19.06
N PRO B 391 0.74 -30.74 19.83
CA PRO B 391 0.52 -31.69 20.92
C PRO B 391 -0.56 -31.14 21.86
N PRO B 392 -1.61 -31.93 22.14
CA PRO B 392 -2.72 -31.39 22.94
C PRO B 392 -2.29 -31.05 24.36
N VAL B 393 -2.79 -29.93 24.85
CA VAL B 393 -2.45 -29.45 26.19
C VAL B 393 -3.57 -29.77 27.17
N GLU B 394 -3.26 -30.56 28.20
CA GLU B 394 -4.23 -30.87 29.26
C GLU B 394 -4.60 -29.56 29.97
N PRO B 395 -5.90 -29.20 30.03
CA PRO B 395 -6.27 -27.96 30.71
C PRO B 395 -6.22 -28.07 32.24
N THR B 396 -6.07 -26.92 32.90
CA THR B 396 -5.95 -26.86 34.38
C THR B 396 -7.32 -26.58 35.03
N ALA B 397 -7.52 -27.08 36.25
CA ALA B 397 -8.72 -26.78 37.05
C ALA B 397 -8.75 -25.29 37.46
#